data_7YON
#
_entry.id   7YON
#
_cell.length_a   1.00
_cell.length_b   1.00
_cell.length_c   1.00
_cell.angle_alpha   90.00
_cell.angle_beta   90.00
_cell.angle_gamma   90.00
#
_symmetry.space_group_name_H-M   'P 1'
#
loop_
_entity.id
_entity.type
_entity.pdbx_description
1 polymer 'Guanine nucleotide-binding protein G(i) subunit alpha-1'
2 polymer 'Guanine nucleotide-binding protein G(I)/G(S)/G(T) subunit beta-1'
3 polymer 'Guanine nucleotide-binding protein G(I)/G(S)/G(O) subunit gamma-2'
4 polymer 'Peptide YY(3-36)'
5 polymer 'Neuropeptide Y receptor type 2'
6 polymer 'single-chain antibody Fv fragment (scFv16)'
7 water water
#
loop_
_entity_poly.entity_id
_entity_poly.type
_entity_poly.pdbx_seq_one_letter_code
_entity_poly.pdbx_strand_id
1 'polypeptide(L)'
;MGCTLSAEDKAAVERSKMIDRNLREDGEKAAREVKLLLLGAGESGKSTIVKQMKIIHEAGYSEEECKQYKAVVYSNTIQS
IIAIIRAMGRLKIDFGDSARADDARQLFVLAGAAEEGFMTAELAGVIKRLWKDSGVQACFNRSREYQLNDSAAYYLNDLD
RIAQPNYIPTQQDVLRTRVKTTGIVETHFTFKDLHFKMFDVGGQRSERKKWIHCFEGVTAIIFCVALSDYDLVLAEDEEM
NRMHESMKLFDSICNNKWFTDTSIILFLNKKDLFEEKIKKSPLTICYPEYAGSNTYEEAAAYIQCQFEDLNKRKDTKEIY
THFTCATDTKNVQFVFDAVTDVIIKNNLKDCGLF
;
A
2 'polypeptide(L)'
;GPGSSGSELDQLRQEAEQLKNQIRDARKACADATLSQITNNIDPVGRIQMRTRRTLRGHLAKIYAMHWGTDSRLLVSASQ
DGKLIIWDSYTTNKVHAIPLRSSWVMTCAYAPSGNYVACGGLDNICSIYNLKTREGNVRVSRELAGHTGYLSCCRFLDDN
QIVTSSGDTTCALWDIETGQQTTTFTGHTGDVMSLSLAPDTRLFVSGACDASAKLWDVREGMCRQTFTGHESDINAICFF
PNGNAFATGSDDATCRLFDLRADQELMTYSHDNIICGITSVSFSKSGRLLLAGYDDFNCNVWDALKADRAGVLAGHDNRV
SCLGVTDDGMAVATGSWDSFLKIWN
;
B
3 'polypeptide(L)' MASNNTASIAQARKLVEQLKMEANIDRIKVSKAAADLMAYCEAHAKEDPLLTPVPASENPFREKKFFCAIL G
4 'polypeptide(L)' IKPEAPGEDASPEELNRYYASLRHYLNLVTRQR(TYC) L
5 'polypeptide(L)'
;GPGPIGAEADENQTVEEMKVEQYGPQTTPRGELVPDPEPELIDSTKLIEVQVVLILAYCSIILLGVIGNSLVIHVVIKFK
SMRTVTNFFIANLAVADLLVNTLCLPFTLTYTLMGEWKMGPVLCHLVPYAQGLAVQVSTITLTVIALDRYRCIVYHLESK
ISKRISFLIIGLAWGISALLASPLAIFREYSLIEIIPDFEIVACTEKWPGEEKSIYGTVYSLSSLLILYVLPLGIISFSY
TRIWSKLKNHVSPGAANDHYHQRRQKTTKMLVCVVVVFAVCWLPLHAFQLAVDIDSQVLDLKEYKLIFTVFHIIAMCSTF
ANPLLYGWMNSNYRKAFLSAFRCEQRLDAIHSEVSVTFKAKKNLEVRKNSGPNDSFTEATNVASGLEVLFQ
;
R
6 'polypeptide(L)'
;DVQLVESGGGLVQPGGSRKLSCSASGFAFSSFGMHWVRQAPEKGLEWVAYISSGSGTIYYADTVKGRFTISRDDPKNTLF
LQMTSLRSEDTAMYYCVRSIYYYGSSPFDFWGQGTTLTVSSGGGGSGGGGSGGGGSDIVMTQATSSVPVTPGESVSISCR
SSKSLLHSNGNTYLYWFLQRPGQSPQLLIYRMSNLASGVPDRFSGSGSGTAFTLTISRLEAEDVGVYYCMQHLEYPLTFG
AGTKLELKAAAHHHHHHHH
;
S
#
# COMPACT_ATOMS: atom_id res chain seq x y z
N CYS A 3 -1.89 26.28 10.06
CA CYS A 3 -0.71 26.22 10.90
C CYS A 3 -0.89 25.20 12.02
N THR A 4 -0.94 25.69 13.26
CA THR A 4 -1.23 24.90 14.45
C THR A 4 -0.08 23.93 14.75
N LEU A 5 0.91 23.88 13.87
CA LEU A 5 2.07 23.01 14.05
C LEU A 5 3.22 23.80 14.66
N SER A 6 3.88 23.20 15.65
CA SER A 6 5.02 23.83 16.30
C SER A 6 6.28 23.62 15.47
N ALA A 7 7.40 24.14 15.98
CA ALA A 7 8.68 23.96 15.29
C ALA A 7 9.07 22.49 15.27
N GLU A 8 8.84 21.77 16.36
CA GLU A 8 9.18 20.35 16.42
C GLU A 8 8.20 19.48 15.65
N ASP A 9 6.92 19.86 15.61
CA ASP A 9 5.94 19.09 14.84
C ASP A 9 6.19 19.22 13.35
N LYS A 10 6.57 20.42 12.89
CA LYS A 10 6.88 20.60 11.47
C LYS A 10 8.09 19.76 11.06
N ALA A 11 9.07 19.65 11.94
CA ALA A 11 10.25 18.83 11.63
C ALA A 11 9.92 17.35 11.60
N ALA A 12 8.96 16.91 12.42
CA ALA A 12 8.54 15.51 12.39
C ALA A 12 7.83 15.17 11.08
N VAL A 13 7.01 16.10 10.57
CA VAL A 13 6.31 15.87 9.31
C VAL A 13 7.30 15.74 8.15
N GLU A 14 8.33 16.59 8.15
CA GLU A 14 9.35 16.51 7.12
C GLU A 14 10.10 15.19 7.17
N ARG A 15 10.31 14.65 8.36
CA ARG A 15 10.94 13.33 8.48
C ARG A 15 10.06 12.24 7.86
N SER A 16 8.75 12.34 8.06
CA SER A 16 7.84 11.33 7.50
C SER A 16 7.82 11.36 5.98
N LYS A 17 8.00 12.54 5.38
CA LYS A 17 8.02 12.64 3.92
C LYS A 17 9.27 11.98 3.35
N MET A 18 10.39 12.07 4.06
CA MET A 18 11.61 11.40 3.60
C MET A 18 11.45 9.88 3.66
N ILE A 19 10.74 9.37 4.66
CA ILE A 19 10.49 7.94 4.74
C ILE A 19 9.59 7.48 3.61
N ASP A 20 8.61 8.31 3.24
CA ASP A 20 7.73 7.97 2.11
C ASP A 20 8.52 7.87 0.82
N ARG A 21 9.45 8.81 0.61
CA ARG A 21 10.23 8.81 -0.63
C ARG A 21 11.11 7.58 -0.73
N ASN A 22 11.69 7.13 0.39
CA ASN A 22 12.51 5.93 0.39
C ASN A 22 11.67 4.69 0.11
N LEU A 23 10.46 4.62 0.68
CA LEU A 23 9.60 3.47 0.45
C LEU A 23 9.12 3.40 -0.99
N ARG A 24 9.01 4.55 -1.66
CA ARG A 24 8.55 4.56 -3.05
C ARG A 24 9.63 4.09 -4.01
N GLU A 25 10.88 4.50 -3.77
CA GLU A 25 11.94 4.22 -4.74
C GLU A 25 12.38 2.76 -4.69
N ASP A 26 12.46 2.17 -3.50
CA ASP A 26 12.85 0.77 -3.40
C ASP A 26 11.71 -0.17 -3.77
N GLY A 27 10.46 0.27 -3.57
CA GLY A 27 9.33 -0.53 -4.02
C GLY A 27 9.26 -0.65 -5.53
N GLU A 28 9.56 0.45 -6.23
CA GLU A 28 9.57 0.42 -7.69
C GLU A 28 10.72 -0.42 -8.23
N LYS A 29 11.85 -0.46 -7.49
CA LYS A 29 12.98 -1.27 -7.91
C LYS A 29 12.64 -2.76 -7.90
N ALA A 30 11.89 -3.21 -6.89
CA ALA A 30 11.54 -4.62 -6.77
C ALA A 30 10.50 -5.07 -7.79
N ALA A 31 9.86 -4.14 -8.50
CA ALA A 31 8.87 -4.49 -9.50
C ALA A 31 9.49 -4.91 -10.83
N ARG A 32 10.81 -4.76 -10.99
CA ARG A 32 11.49 -5.13 -12.22
C ARG A 32 12.17 -6.50 -12.10
N GLU A 33 11.96 -7.21 -11.00
CA GLU A 33 12.53 -8.54 -10.81
C GLU A 33 11.50 -9.60 -11.21
N VAL A 34 11.98 -10.83 -11.29
CA VAL A 34 11.15 -11.98 -11.61
C VAL A 34 11.34 -13.03 -10.52
N LYS A 35 10.26 -13.40 -9.85
CA LYS A 35 10.31 -14.33 -8.74
C LYS A 35 9.84 -15.71 -9.19
N LEU A 36 10.58 -16.74 -8.80
CA LEU A 36 10.30 -18.10 -9.19
C LEU A 36 10.23 -18.97 -7.95
N LEU A 37 9.48 -20.07 -8.04
CA LEU A 37 9.28 -20.99 -6.93
C LEU A 37 9.69 -22.40 -7.34
N LEU A 38 10.58 -23.00 -6.55
CA LEU A 38 11.07 -24.35 -6.82
C LEU A 38 10.31 -25.37 -5.98
N LEU A 39 9.82 -26.42 -6.65
CA LEU A 39 9.13 -27.52 -5.99
C LEU A 39 9.61 -28.84 -6.58
N GLY A 40 9.44 -29.90 -5.81
CA GLY A 40 9.87 -31.21 -6.27
C GLY A 40 9.52 -32.26 -5.23
N ALA A 41 9.80 -33.51 -5.59
CA ALA A 41 9.52 -34.66 -4.73
C ALA A 41 10.85 -35.27 -4.28
N GLY A 42 11.35 -34.76 -3.16
CA GLY A 42 12.59 -35.30 -2.60
C GLY A 42 13.76 -35.10 -3.53
N GLU A 43 14.52 -36.17 -3.76
CA GLU A 43 15.71 -36.12 -4.62
C GLU A 43 15.28 -36.21 -6.08
N SER A 44 14.68 -35.12 -6.56
CA SER A 44 14.24 -35.01 -7.94
C SER A 44 15.27 -34.36 -8.84
N GLY A 45 16.42 -33.96 -8.31
CA GLY A 45 17.41 -33.26 -9.08
C GLY A 45 17.39 -31.76 -8.96
N LYS A 46 16.72 -31.20 -7.94
CA LYS A 46 16.69 -29.75 -7.78
C LYS A 46 18.08 -29.19 -7.53
N SER A 47 18.98 -29.97 -6.93
CA SER A 47 20.33 -29.50 -6.67
C SER A 47 21.08 -29.21 -7.96
N THR A 48 20.90 -30.05 -8.98
CA THR A 48 21.59 -29.85 -10.25
C THR A 48 21.14 -28.56 -10.91
N ILE A 49 19.84 -28.25 -10.85
CA ILE A 49 19.34 -27.02 -11.46
C ILE A 49 19.93 -25.80 -10.78
N VAL A 50 19.96 -25.80 -9.45
CA VAL A 50 20.52 -24.68 -8.71
C VAL A 50 22.03 -24.59 -8.92
N LYS A 51 22.70 -25.74 -8.97
CA LYS A 51 24.16 -25.75 -9.08
C LYS A 51 24.64 -25.13 -10.39
N GLN A 52 23.82 -25.20 -11.44
CA GLN A 52 24.21 -24.64 -12.73
C GLN A 52 24.43 -23.13 -12.63
N MET A 53 23.56 -22.44 -11.91
CA MET A 53 23.70 -21.01 -11.67
C MET A 53 24.47 -20.70 -10.38
N LYS A 54 24.92 -21.73 -9.67
CA LYS A 54 25.73 -21.56 -8.46
C LYS A 54 25.00 -20.71 -7.41
N THR A 182 17.50 -25.04 6.21
CA THR A 182 16.65 -24.62 7.31
C THR A 182 15.90 -23.32 6.96
N GLY A 183 14.62 -23.47 6.66
CA GLY A 183 13.79 -22.32 6.32
C GLY A 183 13.57 -22.19 4.83
N ILE A 184 13.96 -21.04 4.27
CA ILE A 184 13.80 -20.77 2.85
C ILE A 184 15.14 -20.31 2.31
N VAL A 185 15.45 -20.74 1.07
CA VAL A 185 16.71 -20.45 0.43
C VAL A 185 16.45 -19.58 -0.80
N GLU A 186 17.20 -18.49 -0.92
CA GLU A 186 17.03 -17.53 -2.00
C GLU A 186 18.29 -17.51 -2.85
N THR A 187 18.10 -17.54 -4.18
CA THR A 187 19.21 -17.52 -5.12
C THR A 187 18.99 -16.40 -6.13
N HIS A 188 20.03 -15.62 -6.38
CA HIS A 188 19.98 -14.51 -7.32
C HIS A 188 20.90 -14.79 -8.50
N PHE A 189 20.44 -14.47 -9.70
CA PHE A 189 21.28 -14.55 -10.89
C PHE A 189 20.70 -13.65 -11.96
N THR A 190 21.57 -13.24 -12.89
CA THR A 190 21.21 -12.30 -13.94
C THR A 190 21.49 -12.94 -15.29
N PHE A 191 20.54 -12.80 -16.22
CA PHE A 191 20.67 -13.35 -17.57
C PHE A 191 20.08 -12.35 -18.55
N LYS A 192 20.94 -11.71 -19.33
CA LYS A 192 20.54 -10.81 -20.42
C LYS A 192 19.67 -9.66 -19.93
N ASP A 193 20.23 -8.90 -18.98
CA ASP A 193 19.60 -7.69 -18.43
C ASP A 193 18.23 -8.00 -17.83
N LEU A 194 18.18 -9.03 -16.98
CA LEU A 194 16.98 -9.40 -16.26
C LEU A 194 17.38 -10.13 -15.00
N HIS A 195 16.76 -9.79 -13.88
CA HIS A 195 17.11 -10.33 -12.57
C HIS A 195 16.06 -11.34 -12.13
N PHE A 196 16.52 -12.52 -11.73
CA PHE A 196 15.65 -13.60 -11.27
C PHE A 196 15.94 -13.91 -9.81
N LYS A 197 14.91 -14.37 -9.11
CA LYS A 197 15.03 -14.82 -7.73
C LYS A 197 14.28 -16.12 -7.57
N MET A 198 14.97 -17.16 -7.13
CA MET A 198 14.37 -18.47 -6.89
C MET A 198 14.30 -18.75 -5.41
N PHE A 199 13.16 -19.28 -4.96
CA PHE A 199 12.94 -19.63 -3.57
C PHE A 199 12.78 -21.14 -3.47
N ASP A 200 13.62 -21.77 -2.66
CA ASP A 200 13.58 -23.21 -2.43
C ASP A 200 12.91 -23.45 -1.08
N VAL A 201 11.68 -23.96 -1.11
CA VAL A 201 10.88 -24.12 0.09
C VAL A 201 10.92 -25.55 0.62
N GLY A 202 11.82 -26.38 0.10
CA GLY A 202 11.97 -27.72 0.63
C GLY A 202 12.67 -27.74 1.98
N GLY A 203 12.49 -28.84 2.69
CA GLY A 203 13.08 -29.00 4.00
C GLY A 203 12.26 -28.46 5.14
N GLN A 204 11.13 -27.82 4.87
CA GLN A 204 10.24 -27.30 5.92
C GLN A 204 9.28 -28.42 6.31
N ARG A 205 9.45 -28.93 7.53
CA ARG A 205 8.67 -30.08 8.01
C ARG A 205 7.37 -29.59 8.66
N SER A 206 6.51 -29.03 7.82
CA SER A 206 5.19 -28.59 8.26
C SER A 206 4.26 -28.58 7.06
N GLU A 207 2.96 -28.65 7.35
CA GLU A 207 1.96 -28.67 6.29
C GLU A 207 1.94 -27.35 5.54
N ARG A 208 1.88 -27.43 4.21
CA ARG A 208 1.99 -26.25 3.36
C ARG A 208 0.68 -25.47 3.25
N LYS A 209 -0.42 -26.00 3.79
CA LYS A 209 -1.69 -25.29 3.69
C LYS A 209 -1.69 -23.98 4.46
N LYS A 210 -0.78 -23.81 5.42
CA LYS A 210 -0.77 -22.65 6.28
C LYS A 210 0.20 -21.55 5.82
N TRP A 211 1.05 -21.82 4.83
CA TRP A 211 1.99 -20.81 4.37
C TRP A 211 2.14 -20.74 2.86
N ILE A 212 1.37 -21.51 2.09
CA ILE A 212 1.52 -21.49 0.63
C ILE A 212 0.94 -20.22 0.02
N HIS A 213 0.06 -19.52 0.73
CA HIS A 213 -0.53 -18.30 0.20
C HIS A 213 0.44 -17.12 0.21
N CYS A 214 1.59 -17.25 0.86
CA CYS A 214 2.59 -16.20 0.84
C CYS A 214 3.27 -16.06 -0.52
N PHE A 215 3.16 -17.09 -1.37
CA PHE A 215 3.79 -17.09 -2.67
C PHE A 215 2.83 -16.82 -3.82
N GLU A 216 1.65 -16.31 -3.51
CA GLU A 216 0.73 -15.88 -4.56
C GLU A 216 1.28 -14.65 -5.26
N GLY A 217 1.33 -14.70 -6.59
CA GLY A 217 1.88 -13.61 -7.38
C GLY A 217 3.22 -13.90 -8.03
N VAL A 218 3.76 -15.11 -7.88
CA VAL A 218 5.01 -15.44 -8.56
C VAL A 218 4.77 -15.53 -10.06
N THR A 219 5.79 -15.19 -10.84
CA THR A 219 5.65 -15.21 -12.29
C THR A 219 5.43 -16.62 -12.81
N ALA A 220 6.17 -17.60 -12.30
CA ALA A 220 6.08 -18.97 -12.79
C ALA A 220 6.54 -19.90 -11.68
N ILE A 221 6.24 -21.19 -11.86
CA ILE A 221 6.57 -22.22 -10.89
C ILE A 221 7.42 -23.27 -11.60
N ILE A 222 8.52 -23.68 -10.97
CA ILE A 222 9.42 -24.67 -11.54
C ILE A 222 9.23 -25.97 -10.77
N PHE A 223 8.95 -27.04 -11.50
CA PHE A 223 8.70 -28.37 -10.94
C PHE A 223 9.71 -29.35 -11.52
N CYS A 224 10.40 -30.07 -10.65
CA CYS A 224 11.46 -30.99 -11.06
C CYS A 224 11.02 -32.42 -10.81
N VAL A 225 11.22 -33.28 -11.80
CA VAL A 225 10.82 -34.68 -11.76
C VAL A 225 11.96 -35.53 -12.27
N ALA A 226 12.22 -36.64 -11.58
CA ALA A 226 13.27 -37.57 -11.99
C ALA A 226 12.66 -38.67 -12.85
N LEU A 227 13.15 -38.80 -14.08
CA LEU A 227 12.63 -39.82 -14.99
C LEU A 227 13.04 -41.22 -14.59
N SER A 228 14.10 -41.38 -13.79
CA SER A 228 14.62 -42.68 -13.41
C SER A 228 14.01 -43.21 -12.12
N ASP A 229 13.04 -42.52 -11.54
CA ASP A 229 12.41 -42.93 -10.29
C ASP A 229 11.06 -43.60 -10.51
N TYR A 230 10.85 -44.20 -11.67
CA TYR A 230 9.55 -44.82 -11.96
C TYR A 230 9.42 -46.22 -11.36
N ASP A 231 10.51 -46.81 -10.86
CA ASP A 231 10.43 -48.12 -10.22
C ASP A 231 10.89 -48.12 -8.77
N LEU A 232 11.68 -47.14 -8.34
CA LEU A 232 12.06 -47.06 -6.93
C LEU A 232 10.85 -46.76 -6.06
N VAL A 233 10.85 -47.33 -4.86
CA VAL A 233 9.76 -47.15 -3.91
C VAL A 233 10.35 -46.95 -2.52
N LEU A 234 9.75 -46.04 -1.75
CA LEU A 234 10.15 -45.81 -0.37
C LEU A 234 8.94 -45.75 0.56
N ASN A 241 7.13 -46.55 -7.52
CA ASN A 241 5.88 -46.08 -6.93
C ASN A 241 5.98 -44.63 -6.51
N ARG A 242 7.20 -44.16 -6.27
CA ARG A 242 7.41 -42.77 -5.87
C ARG A 242 7.10 -41.80 -7.01
N MET A 243 7.06 -42.27 -8.25
CA MET A 243 6.63 -41.41 -9.35
C MET A 243 5.18 -40.99 -9.17
N HIS A 244 4.32 -41.91 -8.73
CA HIS A 244 2.94 -41.55 -8.43
C HIS A 244 2.85 -40.58 -7.26
N GLU A 245 3.84 -40.61 -6.37
CA GLU A 245 3.86 -39.63 -5.28
C GLU A 245 4.12 -38.22 -5.80
N SER A 246 5.04 -38.08 -6.78
CA SER A 246 5.30 -36.77 -7.36
C SER A 246 4.10 -36.28 -8.16
N MET A 247 3.41 -37.21 -8.85
CA MET A 247 2.21 -36.83 -9.58
C MET A 247 1.12 -36.32 -8.65
N LYS A 248 1.03 -36.89 -7.45
CA LYS A 248 0.07 -36.38 -6.46
C LYS A 248 0.41 -34.96 -6.04
N LEU A 249 1.69 -34.67 -5.84
CA LEU A 249 2.09 -33.31 -5.48
C LEU A 249 1.88 -32.35 -6.65
N PHE A 250 2.14 -32.81 -7.88
CA PHE A 250 1.92 -31.96 -9.04
C PHE A 250 0.44 -31.61 -9.20
N ASP A 251 -0.44 -32.58 -8.95
CA ASP A 251 -1.87 -32.34 -9.09
C ASP A 251 -2.36 -31.30 -8.09
N SER A 252 -1.89 -31.36 -6.85
CA SER A 252 -2.35 -30.44 -5.82
C SER A 252 -1.91 -29.00 -6.11
N ILE A 253 -0.65 -28.81 -6.48
CA ILE A 253 -0.15 -27.46 -6.73
C ILE A 253 -0.72 -26.89 -8.02
N CYS A 254 -0.97 -27.74 -9.02
CA CYS A 254 -1.47 -27.24 -10.30
C CYS A 254 -2.90 -26.73 -10.18
N ASN A 255 -3.73 -27.41 -9.39
CA ASN A 255 -5.13 -27.05 -9.24
C ASN A 255 -5.40 -26.31 -7.94
N ASN A 256 -4.37 -25.73 -7.33
CA ASN A 256 -4.54 -24.95 -6.12
C ASN A 256 -5.36 -23.69 -6.40
N LYS A 257 -6.11 -23.24 -5.40
CA LYS A 257 -6.93 -22.05 -5.56
C LYS A 257 -6.08 -20.80 -5.72
N TRP A 258 -4.96 -20.72 -5.00
CA TRP A 258 -4.10 -19.55 -5.10
C TRP A 258 -3.39 -19.49 -6.44
N PHE A 259 -2.92 -20.62 -6.94
CA PHE A 259 -2.17 -20.69 -8.19
C PHE A 259 -3.08 -21.08 -9.35
N THR A 260 -4.07 -20.24 -9.61
CA THR A 260 -5.02 -20.48 -10.69
C THR A 260 -4.64 -19.80 -11.99
N ASP A 261 -3.58 -18.99 -12.01
CA ASP A 261 -3.19 -18.26 -13.20
C ASP A 261 -1.69 -18.29 -13.50
N THR A 262 -0.85 -18.69 -12.56
CA THR A 262 0.59 -18.72 -12.80
C THR A 262 0.95 -19.90 -13.69
N SER A 263 1.91 -19.69 -14.58
CA SER A 263 2.35 -20.74 -15.48
C SER A 263 3.33 -21.66 -14.78
N ILE A 264 3.56 -22.82 -15.39
CA ILE A 264 4.42 -23.85 -14.81
C ILE A 264 5.45 -24.25 -15.84
N ILE A 265 6.71 -24.29 -15.44
CA ILE A 265 7.81 -24.76 -16.27
C ILE A 265 8.31 -26.07 -15.67
N LEU A 266 8.20 -27.15 -16.44
CA LEU A 266 8.45 -28.50 -15.94
C LEU A 266 9.80 -29.00 -16.45
N PHE A 267 10.59 -29.58 -15.55
CA PHE A 267 11.90 -30.12 -15.87
C PHE A 267 11.90 -31.62 -15.65
N LEU A 268 12.37 -32.37 -16.64
CA LEU A 268 12.46 -33.83 -16.56
C LEU A 268 13.92 -34.22 -16.48
N ASN A 269 14.39 -34.60 -15.29
CA ASN A 269 15.80 -34.82 -15.04
C ASN A 269 16.18 -36.27 -15.28
N LYS A 270 17.48 -36.56 -15.13
CA LYS A 270 18.04 -37.91 -15.25
C LYS A 270 17.71 -38.54 -16.61
N LYS A 271 17.90 -37.76 -17.67
CA LYS A 271 17.64 -38.26 -19.01
C LYS A 271 18.64 -39.35 -19.39
N ASP A 272 19.93 -39.16 -19.06
CA ASP A 272 20.94 -40.13 -19.44
C ASP A 272 20.90 -41.38 -18.58
N LEU A 273 20.19 -41.36 -17.46
CA LEU A 273 20.01 -42.54 -16.63
C LEU A 273 18.74 -43.30 -16.96
N PHE A 274 17.70 -42.60 -17.41
CA PHE A 274 16.46 -43.26 -17.78
C PHE A 274 16.63 -44.11 -19.04
N GLU A 275 17.47 -43.66 -19.97
CA GLU A 275 17.69 -44.41 -21.20
C GLU A 275 18.35 -45.76 -20.93
N GLU A 276 19.30 -45.80 -19.99
CA GLU A 276 19.96 -47.06 -19.67
C GLU A 276 19.07 -47.95 -18.83
N LYS A 277 18.26 -47.36 -17.95
CA LYS A 277 17.40 -48.16 -17.09
C LYS A 277 16.20 -48.72 -17.84
N ILE A 278 15.83 -48.14 -18.98
CA ILE A 278 14.68 -48.62 -19.74
C ILE A 278 14.98 -49.89 -20.54
N LYS A 279 16.26 -50.26 -20.67
CA LYS A 279 16.62 -51.46 -21.40
C LYS A 279 16.57 -52.72 -20.55
N LYS A 280 16.37 -52.59 -19.24
CA LYS A 280 16.27 -53.73 -18.34
C LYS A 280 14.92 -53.81 -17.64
N SER A 281 14.38 -52.67 -17.21
CA SER A 281 13.09 -52.64 -16.51
C SER A 281 12.03 -52.04 -17.42
N PRO A 282 11.02 -52.80 -17.83
CA PRO A 282 9.97 -52.23 -18.68
C PRO A 282 9.14 -51.19 -17.94
N LEU A 283 8.57 -50.26 -18.72
CA LEU A 283 7.72 -49.22 -18.17
C LEU A 283 6.41 -49.76 -17.59
N THR A 284 6.05 -51.00 -17.91
CA THR A 284 4.80 -51.57 -17.42
C THR A 284 4.78 -51.68 -15.90
N ILE A 285 5.94 -51.62 -15.25
CA ILE A 285 5.99 -51.62 -13.79
C ILE A 285 5.26 -50.39 -13.23
N CYS A 286 5.53 -49.22 -13.81
CA CYS A 286 4.94 -47.98 -13.32
C CYS A 286 3.54 -47.76 -13.89
N TYR A 287 3.33 -48.09 -15.16
CA TYR A 287 2.06 -47.86 -15.85
C TYR A 287 1.56 -49.18 -16.41
N PRO A 288 0.67 -49.87 -15.69
CA PRO A 288 0.15 -51.15 -16.19
C PRO A 288 -0.60 -51.03 -17.50
N GLU A 289 -1.28 -49.92 -17.75
CA GLU A 289 -2.09 -49.75 -18.95
C GLU A 289 -1.28 -49.30 -20.15
N TYR A 290 0.02 -49.09 -19.99
CA TYR A 290 0.88 -48.61 -21.08
C TYR A 290 1.16 -49.78 -22.03
N ALA A 291 0.67 -49.68 -23.26
CA ALA A 291 0.93 -50.66 -24.31
C ALA A 291 1.72 -49.97 -25.41
N GLY A 292 3.03 -50.15 -25.40
CA GLY A 292 3.87 -49.48 -26.38
C GLY A 292 5.24 -50.11 -26.44
N SER A 293 6.13 -49.44 -27.18
CA SER A 293 7.48 -49.94 -27.39
C SER A 293 8.36 -49.68 -26.17
N ASN A 294 9.57 -50.23 -26.22
CA ASN A 294 10.56 -50.06 -25.16
C ASN A 294 11.56 -48.95 -25.46
N THR A 295 11.41 -48.25 -26.59
CA THR A 295 12.30 -47.16 -26.93
C THR A 295 12.13 -46.01 -25.94
N TYR A 296 13.25 -45.35 -25.59
CA TYR A 296 13.19 -44.26 -24.63
C TYR A 296 12.38 -43.09 -25.17
N GLU A 297 12.48 -42.82 -26.48
CA GLU A 297 11.70 -41.73 -27.06
C GLU A 297 10.20 -41.99 -26.94
N GLU A 298 9.78 -43.24 -27.15
CA GLU A 298 8.38 -43.58 -26.94
C GLU A 298 8.00 -43.48 -25.48
N ALA A 299 8.86 -43.98 -24.58
CA ALA A 299 8.54 -43.96 -23.16
C ALA A 299 8.57 -42.55 -22.59
N ALA A 300 9.52 -41.73 -23.04
CA ALA A 300 9.60 -40.36 -22.54
C ALA A 300 8.39 -39.54 -22.98
N ALA A 301 7.92 -39.75 -24.21
CA ALA A 301 6.72 -39.04 -24.67
C ALA A 301 5.50 -39.45 -23.87
N TYR A 302 5.43 -40.71 -23.45
CA TYR A 302 4.30 -41.16 -22.64
C TYR A 302 4.32 -40.53 -21.26
N ILE A 303 5.49 -40.45 -20.64
CA ILE A 303 5.59 -39.88 -19.28
C ILE A 303 5.21 -38.40 -19.30
N GLN A 304 5.70 -37.66 -20.30
CA GLN A 304 5.38 -36.24 -20.39
C GLN A 304 3.89 -36.02 -20.60
N CYS A 305 3.24 -36.91 -21.36
CA CYS A 305 1.81 -36.77 -21.61
C CYS A 305 0.99 -36.91 -20.34
N GLN A 306 1.37 -37.85 -19.47
CA GLN A 306 0.62 -38.05 -18.23
C GLN A 306 0.71 -36.85 -17.31
N PHE A 307 1.87 -36.19 -17.27
CA PHE A 307 2.03 -35.04 -16.40
C PHE A 307 1.26 -33.83 -16.91
N GLU A 308 1.19 -33.66 -18.23
CA GLU A 308 0.48 -32.52 -18.80
C GLU A 308 -1.04 -32.68 -18.74
N ASP A 309 -1.54 -33.89 -18.57
CA ASP A 309 -2.97 -34.16 -18.58
C ASP A 309 -3.61 -34.05 -17.20
N LEU A 310 -2.82 -33.72 -16.17
CA LEU A 310 -3.36 -33.47 -14.84
C LEU A 310 -3.82 -32.03 -14.66
N ASN A 311 -3.66 -31.19 -15.69
CA ASN A 311 -4.03 -29.77 -15.61
C ASN A 311 -5.49 -29.63 -15.99
N LYS A 312 -6.33 -29.27 -15.00
CA LYS A 312 -7.74 -29.01 -15.26
C LYS A 312 -7.99 -27.57 -15.73
N ARG A 313 -7.01 -26.69 -15.63
CA ARG A 313 -7.14 -25.31 -16.10
C ARG A 313 -6.48 -25.22 -17.48
N LYS A 314 -7.17 -25.73 -18.49
CA LYS A 314 -6.64 -25.71 -19.85
C LYS A 314 -6.53 -24.30 -20.41
N ASP A 315 -7.15 -23.31 -19.77
CA ASP A 315 -7.07 -21.92 -20.18
C ASP A 315 -6.49 -21.09 -19.06
N THR A 316 -5.74 -20.05 -19.44
CA THR A 316 -5.12 -19.07 -18.55
C THR A 316 -3.93 -19.67 -17.81
N LYS A 317 -3.72 -20.98 -17.94
CA LYS A 317 -2.56 -21.66 -17.37
C LYS A 317 -1.95 -22.55 -18.43
N GLU A 318 -0.66 -22.38 -18.68
CA GLU A 318 0.06 -23.12 -19.71
C GLU A 318 1.27 -23.81 -19.09
N ILE A 319 1.63 -24.95 -19.67
CA ILE A 319 2.71 -25.78 -19.15
C ILE A 319 3.78 -25.91 -20.24
N TYR A 320 5.01 -25.51 -19.91
CA TYR A 320 6.15 -25.67 -20.79
C TYR A 320 7.00 -26.82 -20.28
N THR A 321 7.32 -27.75 -21.17
CA THR A 321 8.05 -28.96 -20.80
C THR A 321 9.41 -28.98 -21.49
N HIS A 322 10.44 -29.36 -20.74
CA HIS A 322 11.81 -29.40 -21.24
C HIS A 322 12.55 -30.55 -20.58
N PHE A 323 13.35 -31.27 -21.37
CA PHE A 323 14.19 -32.35 -20.86
C PHE A 323 15.56 -31.79 -20.52
N THR A 324 15.91 -31.83 -19.23
CA THR A 324 17.11 -31.15 -18.76
C THR A 324 18.36 -31.74 -19.39
N CYS A 325 19.23 -30.87 -19.88
CA CYS A 325 20.48 -31.26 -20.53
C CYS A 325 21.61 -30.39 -20.02
N ALA A 326 22.83 -30.92 -20.13
CA ALA A 326 24.03 -30.23 -19.65
C ALA A 326 24.82 -29.59 -20.79
N THR A 327 24.16 -29.24 -21.89
CA THR A 327 24.83 -28.64 -23.04
C THR A 327 24.84 -27.13 -22.89
N ASP A 328 25.99 -26.58 -22.50
CA ASP A 328 26.21 -25.13 -22.36
C ASP A 328 25.17 -24.57 -21.40
N THR A 329 24.43 -23.52 -21.76
CA THR A 329 23.45 -22.90 -20.87
C THR A 329 22.03 -23.01 -21.43
N LYS A 330 21.69 -24.16 -22.02
CA LYS A 330 20.35 -24.34 -22.58
C LYS A 330 19.28 -24.41 -21.50
N ASN A 331 19.65 -24.68 -20.26
CA ASN A 331 18.65 -24.77 -19.19
C ASN A 331 18.19 -23.39 -18.74
N VAL A 332 19.09 -22.41 -18.66
CA VAL A 332 18.68 -21.05 -18.34
C VAL A 332 18.17 -20.31 -19.57
N GLN A 333 18.57 -20.72 -20.77
CA GLN A 333 18.03 -20.14 -21.99
C GLN A 333 16.55 -20.46 -22.13
N PHE A 334 16.16 -21.70 -21.81
CA PHE A 334 14.75 -22.07 -21.89
C PHE A 334 13.91 -21.31 -20.88
N VAL A 335 14.42 -21.16 -19.66
CA VAL A 335 13.69 -20.42 -18.62
C VAL A 335 13.50 -18.97 -19.04
N PHE A 336 14.50 -18.39 -19.72
CA PHE A 336 14.36 -17.02 -20.21
C PHE A 336 13.31 -16.93 -21.29
N ASP A 337 13.24 -17.92 -22.18
CA ASP A 337 12.23 -17.92 -23.24
C ASP A 337 10.83 -18.09 -22.66
N ALA A 338 10.67 -18.96 -21.67
CA ALA A 338 9.36 -19.21 -21.09
C ALA A 338 8.86 -18.02 -20.30
N VAL A 339 9.74 -17.36 -19.54
CA VAL A 339 9.31 -16.23 -18.71
C VAL A 339 8.98 -15.03 -19.58
N THR A 340 9.76 -14.79 -20.64
CA THR A 340 9.44 -13.71 -21.57
C THR A 340 8.08 -13.94 -22.22
N ASP A 341 7.75 -15.20 -22.52
CA ASP A 341 6.44 -15.51 -23.07
C ASP A 341 5.34 -15.26 -22.04
N VAL A 342 5.61 -15.55 -20.77
CA VAL A 342 4.62 -15.32 -19.71
C VAL A 342 4.35 -13.82 -19.56
N ILE A 343 5.39 -13.00 -19.60
CA ILE A 343 5.22 -11.56 -19.39
C ILE A 343 4.47 -10.92 -20.54
N ILE A 344 4.77 -11.33 -21.78
CA ILE A 344 4.11 -10.74 -22.94
C ILE A 344 2.62 -11.04 -22.90
N LYS A 345 2.25 -12.27 -22.55
CA LYS A 345 0.84 -12.63 -22.49
C LYS A 345 0.13 -11.97 -21.31
N ASN A 346 0.87 -11.66 -20.23
CA ASN A 346 0.28 -10.92 -19.12
C ASN A 346 -0.06 -9.50 -19.52
N ASN A 347 0.82 -8.85 -20.29
CA ASN A 347 0.56 -7.49 -20.74
C ASN A 347 -0.64 -7.42 -21.66
N LEU A 348 -0.80 -8.41 -22.53
CA LEU A 348 -1.90 -8.42 -23.49
C LEU A 348 -3.25 -8.56 -22.80
N LYS A 349 -3.31 -9.32 -21.70
CA LYS A 349 -4.57 -9.46 -20.97
C LYS A 349 -5.00 -8.14 -20.34
N ASP A 350 -4.05 -7.36 -19.83
CA ASP A 350 -4.40 -6.08 -19.22
C ASP A 350 -5.01 -5.13 -20.23
N CYS A 351 -4.45 -5.06 -21.44
CA CYS A 351 -5.00 -4.23 -22.50
C CYS A 351 -6.30 -4.76 -23.06
N GLY A 352 -6.65 -6.00 -22.75
CA GLY A 352 -7.83 -6.62 -23.30
C GLY A 352 -7.66 -7.18 -24.70
N LEU A 353 -6.44 -7.12 -25.26
CA LEU A 353 -6.24 -7.65 -26.61
C LEU A 353 -6.43 -9.16 -26.65
N PHE A 354 -5.95 -9.87 -25.64
CA PHE A 354 -6.20 -11.30 -25.54
C PHE A 354 -7.34 -11.58 -24.57
N ASP B 10 0.40 -53.54 28.70
CA ASP B 10 -0.35 -53.96 29.88
C ASP B 10 -1.55 -53.05 30.10
N GLN B 11 -2.45 -53.00 29.11
CA GLN B 11 -3.65 -52.18 29.16
C GLN B 11 -3.34 -50.70 29.37
N LEU B 12 -2.16 -50.27 28.93
CA LEU B 12 -1.79 -48.86 29.06
C LEU B 12 -2.71 -47.98 28.22
N ARG B 13 -3.04 -48.42 27.01
CA ARG B 13 -3.97 -47.67 26.16
C ARG B 13 -5.36 -47.63 26.79
N GLN B 14 -5.80 -48.75 27.39
CA GLN B 14 -7.12 -48.79 28.00
C GLN B 14 -7.22 -47.84 29.19
N GLU B 15 -6.15 -47.74 29.99
CA GLU B 15 -6.18 -46.85 31.15
C GLU B 15 -6.36 -45.40 30.73
N ALA B 16 -5.74 -45.01 29.61
CA ALA B 16 -5.94 -43.66 29.09
C ALA B 16 -7.40 -43.42 28.71
N GLU B 17 -8.04 -44.42 28.09
CA GLU B 17 -9.44 -44.27 27.73
C GLU B 17 -10.33 -44.16 28.97
N GLN B 18 -10.03 -44.94 30.01
CA GLN B 18 -10.78 -44.83 31.25
C GLN B 18 -10.60 -43.45 31.89
N LEU B 19 -9.38 -42.93 31.87
CA LEU B 19 -9.15 -41.59 32.40
C LEU B 19 -9.87 -40.53 31.58
N LYS B 20 -9.88 -40.69 30.26
CA LYS B 20 -10.56 -39.71 29.41
C LYS B 20 -12.07 -39.70 29.68
N ASN B 21 -12.66 -40.88 29.90
CA ASN B 21 -14.10 -40.94 30.14
C ASN B 21 -14.47 -40.35 31.49
N GLN B 22 -13.74 -40.73 32.54
CA GLN B 22 -14.06 -40.21 33.88
C GLN B 22 -13.87 -38.71 33.98
N ILE B 23 -13.05 -38.11 33.11
CA ILE B 23 -12.89 -36.66 33.11
C ILE B 23 -14.16 -35.99 32.60
N ARG B 24 -14.77 -36.53 31.55
CA ARG B 24 -15.93 -35.87 30.96
C ARG B 24 -17.17 -36.01 31.83
N ASP B 25 -17.24 -37.03 32.67
CA ASP B 25 -18.35 -37.13 33.62
C ASP B 25 -18.24 -36.09 34.71
N ALA B 26 -17.02 -35.77 35.14
CA ALA B 26 -16.83 -34.72 36.13
C ALA B 26 -17.28 -33.38 35.60
N ARG B 27 -16.96 -33.08 34.34
CA ARG B 27 -17.43 -31.84 33.73
C ARG B 27 -18.94 -31.81 33.62
N LYS B 28 -19.55 -32.94 33.21
CA LYS B 28 -21.00 -32.98 33.08
C LYS B 28 -21.69 -32.83 34.43
N ALA B 29 -21.15 -33.47 35.47
CA ALA B 29 -21.69 -33.29 36.81
C ALA B 29 -21.44 -31.88 37.32
N CYS B 30 -20.40 -31.21 36.81
CA CYS B 30 -20.11 -29.84 37.22
C CYS B 30 -21.04 -28.83 36.57
N ALA B 31 -21.52 -29.12 35.36
CA ALA B 31 -22.39 -28.19 34.65
C ALA B 31 -23.82 -28.31 35.17
N ASP B 32 -24.38 -27.19 35.64
CA ASP B 32 -25.73 -27.16 36.14
C ASP B 32 -26.56 -25.99 35.61
N ALA B 33 -25.94 -25.03 34.93
CA ALA B 33 -26.66 -23.90 34.36
C ALA B 33 -25.91 -23.40 33.13
N THR B 34 -26.63 -22.67 32.28
CA THR B 34 -26.06 -22.10 31.07
C THR B 34 -26.14 -20.58 31.14
N LEU B 35 -25.22 -19.92 30.45
CA LEU B 35 -25.24 -18.45 30.40
C LEU B 35 -26.48 -17.91 29.74
N SER B 36 -27.13 -18.68 28.87
CA SER B 36 -28.33 -18.20 28.20
C SER B 36 -29.45 -17.90 29.18
N GLN B 37 -29.62 -18.76 30.18
CA GLN B 37 -30.67 -18.52 31.18
C GLN B 37 -30.21 -17.57 32.28
N ILE B 38 -28.90 -17.49 32.54
CA ILE B 38 -28.39 -16.58 33.56
C ILE B 38 -28.44 -15.15 33.06
N THR B 39 -28.03 -14.91 31.82
CA THR B 39 -27.88 -13.57 31.28
C THR B 39 -29.07 -13.12 30.44
N ASN B 40 -30.20 -13.83 30.52
CA ASN B 40 -31.35 -13.45 29.71
C ASN B 40 -32.07 -12.21 30.21
N ASN B 41 -31.81 -11.78 31.45
CA ASN B 41 -32.52 -10.66 32.05
C ASN B 41 -31.64 -9.42 32.20
N ILE B 42 -30.80 -9.17 31.20
CA ILE B 42 -29.97 -7.98 31.19
C ILE B 42 -30.21 -7.24 29.87
N ASP B 43 -30.01 -5.92 29.92
CA ASP B 43 -30.31 -5.09 28.76
C ASP B 43 -29.24 -5.25 27.69
N PRO B 44 -29.62 -5.45 26.43
CA PRO B 44 -28.62 -5.54 25.36
C PRO B 44 -27.95 -4.21 25.09
N VAL B 45 -26.77 -4.29 24.48
CA VAL B 45 -25.97 -3.09 24.21
C VAL B 45 -26.54 -2.22 23.10
N GLY B 46 -27.50 -2.73 22.33
CA GLY B 46 -28.07 -1.96 21.24
C GLY B 46 -27.16 -1.91 20.03
N ARG B 47 -27.50 -1.01 19.12
CA ARG B 47 -26.72 -0.85 17.90
C ARG B 47 -25.39 -0.16 18.21
N ILE B 48 -24.32 -0.67 17.60
CA ILE B 48 -22.98 -0.14 17.77
C ILE B 48 -22.43 0.22 16.40
N GLN B 49 -22.21 1.50 16.16
CA GLN B 49 -21.73 2.01 14.89
C GLN B 49 -20.40 2.71 15.08
N MET B 50 -19.40 2.30 14.31
CA MET B 50 -18.06 2.88 14.36
C MET B 50 -17.70 3.46 13.00
N ARG B 51 -16.97 4.56 13.01
CA ARG B 51 -16.55 5.24 11.79
C ARG B 51 -15.03 5.26 11.71
N THR B 52 -14.51 5.14 10.50
CA THR B 52 -13.08 5.20 10.29
C THR B 52 -12.56 6.60 10.59
N ARG B 53 -11.48 6.68 11.36
CA ARG B 53 -10.88 7.95 11.75
C ARG B 53 -9.56 8.21 11.06
N ARG B 54 -8.69 7.22 10.96
CA ARG B 54 -7.41 7.34 10.28
C ARG B 54 -7.24 6.21 9.29
N THR B 55 -6.58 6.51 8.18
CA THR B 55 -6.16 5.49 7.21
C THR B 55 -4.67 5.64 6.99
N LEU B 56 -3.93 4.57 7.23
CA LEU B 56 -2.48 4.57 7.16
C LEU B 56 -2.04 3.86 5.88
N ARG B 57 -1.30 4.57 5.03
CA ARG B 57 -0.84 4.04 3.76
C ARG B 57 0.66 4.20 3.64
N GLY B 58 1.27 3.29 2.88
CA GLY B 58 2.71 3.28 2.72
C GLY B 58 3.29 1.89 2.55
N HIS B 59 2.54 0.87 2.95
CA HIS B 59 2.95 -0.51 2.72
C HIS B 59 2.65 -0.90 1.27
N LEU B 60 3.62 -1.50 0.60
CA LEU B 60 3.48 -1.89 -0.79
C LEU B 60 2.94 -3.32 -0.96
N ALA B 61 2.76 -4.06 0.13
CA ALA B 61 2.24 -5.42 0.06
C ALA B 61 1.22 -5.59 1.18
N LYS B 62 0.77 -6.82 1.38
CA LYS B 62 -0.25 -7.11 2.37
C LYS B 62 0.33 -7.13 3.78
N ILE B 63 -0.43 -6.59 4.72
CA ILE B 63 -0.03 -6.59 6.13
C ILE B 63 -0.41 -7.93 6.74
N TYR B 64 0.55 -8.54 7.45
CA TYR B 64 0.31 -9.82 8.10
C TYR B 64 0.14 -9.72 9.61
N ALA B 65 0.66 -8.66 10.24
CA ALA B 65 0.56 -8.52 11.68
C ALA B 65 0.68 -7.05 12.07
N MET B 66 0.20 -6.75 13.28
CA MET B 66 0.33 -5.43 13.87
C MET B 66 0.25 -5.58 15.38
N HIS B 67 0.72 -4.56 16.09
CA HIS B 67 0.69 -4.60 17.55
C HIS B 67 0.71 -3.17 18.08
N TRP B 68 -0.14 -2.92 19.08
CA TRP B 68 -0.22 -1.62 19.71
C TRP B 68 0.90 -1.47 20.75
N GLY B 69 1.18 -0.21 21.08
CA GLY B 69 2.08 0.11 22.16
C GLY B 69 1.33 0.34 23.45
N THR B 70 2.03 0.20 24.57
CA THR B 70 1.41 0.41 25.88
C THR B 70 0.96 1.86 26.05
N ASP B 71 1.70 2.79 25.45
CA ASP B 71 1.33 4.21 25.49
C ASP B 71 0.07 4.51 24.67
N SER B 72 -0.38 3.57 23.84
CA SER B 72 -1.60 3.68 23.03
C SER B 72 -1.50 4.75 21.95
N ARG B 73 -0.29 5.09 21.52
CA ARG B 73 -0.08 5.99 20.40
C ARG B 73 0.68 5.34 19.25
N LEU B 74 1.77 4.63 19.55
CA LEU B 74 2.61 4.04 18.54
C LEU B 74 2.09 2.66 18.14
N LEU B 75 2.44 2.24 16.93
CA LEU B 75 1.85 1.06 16.31
C LEU B 75 2.82 0.51 15.29
N VAL B 76 3.29 -0.72 15.50
CA VAL B 76 4.18 -1.39 14.57
C VAL B 76 3.36 -2.32 13.68
N SER B 77 3.72 -2.38 12.41
CA SER B 77 3.07 -3.27 11.46
C SER B 77 4.12 -3.87 10.54
N ALA B 78 3.83 -5.09 10.07
CA ALA B 78 4.74 -5.82 9.21
C ALA B 78 4.04 -6.19 7.90
N SER B 79 4.80 -6.17 6.81
CA SER B 79 4.27 -6.50 5.50
C SER B 79 5.27 -7.35 4.74
N GLN B 80 4.79 -8.05 3.72
CA GLN B 80 5.61 -8.98 2.96
C GLN B 80 6.62 -8.29 2.06
N ASP B 81 6.53 -6.96 1.89
CA ASP B 81 7.54 -6.25 1.12
C ASP B 81 8.88 -6.15 1.83
N GLY B 82 8.93 -6.56 3.09
CA GLY B 82 10.19 -6.56 3.82
C GLY B 82 10.44 -5.33 4.66
N LYS B 83 9.41 -4.73 5.23
CA LYS B 83 9.56 -3.51 6.01
C LYS B 83 8.75 -3.59 7.29
N LEU B 84 9.31 -3.03 8.36
CA LEU B 84 8.59 -2.76 9.60
C LEU B 84 8.44 -1.26 9.75
N ILE B 85 7.22 -0.79 10.01
CA ILE B 85 6.94 0.62 10.15
C ILE B 85 6.29 0.86 11.51
N ILE B 86 6.81 1.84 12.24
CA ILE B 86 6.17 2.35 13.46
C ILE B 86 5.43 3.62 13.09
N TRP B 87 4.15 3.68 13.47
CA TRP B 87 3.28 4.79 13.12
C TRP B 87 2.97 5.63 14.36
N ASP B 88 2.66 6.89 14.12
CA ASP B 88 2.09 7.77 15.14
C ASP B 88 0.61 7.93 14.81
N SER B 89 -0.25 7.31 15.63
CA SER B 89 -1.67 7.21 15.28
C SER B 89 -2.34 8.57 15.22
N TYR B 90 -2.00 9.47 16.14
CA TYR B 90 -2.71 10.74 16.24
C TYR B 90 -2.46 11.61 15.00
N THR B 91 -1.23 11.62 14.50
CA THR B 91 -0.85 12.48 13.39
C THR B 91 -0.61 11.72 12.09
N THR B 92 -0.73 10.40 12.09
CA THR B 92 -0.46 9.57 10.91
C THR B 92 0.95 9.81 10.36
N ASN B 93 1.92 9.93 11.25
CA ASN B 93 3.32 10.09 10.89
C ASN B 93 4.04 8.75 10.98
N LYS B 94 5.13 8.64 10.24
CA LYS B 94 6.01 7.49 10.29
C LYS B 94 7.21 7.83 11.18
N VAL B 95 7.40 7.06 12.24
CA VAL B 95 8.51 7.29 13.16
C VAL B 95 9.76 6.55 12.73
N HIS B 96 9.62 5.30 12.27
CA HIS B 96 10.75 4.49 11.88
C HIS B 96 10.36 3.62 10.69
N ALA B 97 11.37 3.04 10.05
CA ALA B 97 11.16 2.10 8.95
C ALA B 97 12.36 1.16 8.90
N ILE B 98 12.18 -0.06 9.38
CA ILE B 98 13.26 -1.02 9.55
C ILE B 98 13.25 -1.98 8.35
N PRO B 99 14.31 -2.05 7.56
CA PRO B 99 14.39 -3.08 6.51
C PRO B 99 14.75 -4.44 7.11
N LEU B 100 14.04 -5.47 6.66
CA LEU B 100 14.22 -6.82 7.17
C LEU B 100 15.11 -7.63 6.23
N ARG B 101 15.92 -8.50 6.82
CA ARG B 101 16.78 -9.36 6.01
C ARG B 101 15.97 -10.34 5.17
N SER B 102 14.91 -10.90 5.75
CA SER B 102 14.01 -11.81 5.05
C SER B 102 12.63 -11.17 4.95
N SER B 103 12.06 -11.18 3.75
CA SER B 103 10.76 -10.57 3.52
C SER B 103 9.58 -11.44 3.95
N TRP B 104 9.83 -12.71 4.25
CA TRP B 104 8.75 -13.64 4.63
C TRP B 104 8.50 -13.54 6.13
N VAL B 105 7.95 -12.40 6.53
CA VAL B 105 7.65 -12.11 7.93
C VAL B 105 6.17 -12.36 8.17
N MET B 106 5.85 -13.06 9.26
CA MET B 106 4.48 -13.43 9.56
C MET B 106 4.00 -13.01 10.94
N THR B 107 4.87 -12.45 11.78
CA THR B 107 4.46 -11.98 13.09
C THR B 107 5.37 -10.85 13.53
N CYS B 108 4.84 -10.00 14.41
CA CYS B 108 5.62 -8.91 15.00
C CYS B 108 5.06 -8.60 16.38
N ALA B 109 5.91 -8.05 17.24
CA ALA B 109 5.53 -7.72 18.60
C ALA B 109 6.23 -6.44 19.04
N TYR B 110 5.64 -5.78 20.03
CA TYR B 110 6.14 -4.53 20.56
C TYR B 110 6.43 -4.73 22.04
N ALA B 111 7.62 -4.33 22.49
CA ALA B 111 7.99 -4.54 23.88
C ALA B 111 7.14 -3.68 24.79
N PRO B 112 6.71 -4.20 25.95
CA PRO B 112 5.91 -3.39 26.87
C PRO B 112 6.63 -2.14 27.36
N SER B 113 7.96 -2.17 27.46
CA SER B 113 8.71 -0.98 27.81
C SER B 113 8.82 -0.01 26.65
N GLY B 114 8.83 -0.50 25.42
CA GLY B 114 8.92 0.32 24.24
C GLY B 114 10.30 0.45 23.64
N ASN B 115 11.28 -0.32 24.12
CA ASN B 115 12.65 -0.22 23.64
C ASN B 115 12.98 -1.22 22.54
N TYR B 116 12.17 -2.26 22.35
CA TYR B 116 12.48 -3.31 21.40
C TYR B 116 11.24 -3.68 20.60
N VAL B 117 11.46 -4.21 19.40
CA VAL B 117 10.44 -4.86 18.60
C VAL B 117 11.00 -6.18 18.12
N ALA B 118 10.12 -7.14 17.84
CA ALA B 118 10.51 -8.46 17.40
C ALA B 118 9.70 -8.85 16.17
N CYS B 119 10.27 -9.72 15.35
CA CYS B 119 9.61 -10.20 14.15
C CYS B 119 10.14 -11.58 13.81
N GLY B 120 9.37 -12.32 13.02
CA GLY B 120 9.78 -13.66 12.61
C GLY B 120 8.90 -14.15 11.48
N GLY B 121 9.29 -15.30 10.93
CA GLY B 121 8.54 -15.87 9.82
C GLY B 121 9.08 -17.18 9.29
N LEU B 122 9.16 -17.30 7.96
CA LEU B 122 9.54 -18.54 7.31
C LEU B 122 11.03 -18.84 7.42
N ASP B 123 11.84 -17.92 7.92
CA ASP B 123 13.28 -18.15 8.07
C ASP B 123 13.63 -18.89 9.34
N ASN B 124 12.64 -19.19 10.19
CA ASN B 124 12.82 -19.98 11.41
C ASN B 124 13.64 -19.24 12.47
N ILE B 125 13.72 -17.91 12.36
CA ILE B 125 14.54 -17.10 13.25
C ILE B 125 13.71 -15.93 13.75
N CYS B 126 13.84 -15.61 15.04
CA CYS B 126 13.23 -14.43 15.63
C CYS B 126 14.31 -13.37 15.81
N SER B 127 14.10 -12.19 15.24
CA SER B 127 15.04 -11.09 15.31
C SER B 127 14.50 -10.00 16.22
N ILE B 128 15.38 -9.42 17.03
CA ILE B 128 15.03 -8.38 17.99
C ILE B 128 15.81 -7.12 17.66
N TYR B 129 15.10 -6.00 17.53
CA TYR B 129 15.69 -4.73 17.14
C TYR B 129 15.66 -3.75 18.31
N ASN B 130 16.73 -2.97 18.44
CA ASN B 130 16.84 -1.96 19.48
C ASN B 130 16.51 -0.59 18.90
N LEU B 131 15.56 0.10 19.54
CA LEU B 131 15.06 1.36 19.00
C LEU B 131 15.76 2.58 19.59
N LYS B 132 16.25 2.49 20.82
CA LYS B 132 16.91 3.62 21.48
C LYS B 132 18.42 3.41 21.40
N THR B 133 19.02 3.97 20.36
CA THR B 133 20.45 3.85 20.12
C THR B 133 21.09 5.23 20.08
N ARG B 134 22.33 5.31 20.58
CA ARG B 134 23.06 6.57 20.55
C ARG B 134 23.48 6.96 19.14
N GLU B 135 23.61 5.98 18.25
CA GLU B 135 24.07 6.23 16.89
C GLU B 135 22.97 6.81 15.98
N GLY B 136 21.71 6.74 16.40
CA GLY B 136 20.63 7.32 15.63
C GLY B 136 20.03 6.42 14.57
N ASN B 137 20.20 5.10 14.69
CA ASN B 137 19.60 4.17 13.75
C ASN B 137 19.20 2.91 14.49
N VAL B 138 18.27 2.16 13.90
CA VAL B 138 17.80 0.90 14.47
C VAL B 138 18.68 -0.22 13.96
N ARG B 139 19.15 -1.07 14.88
CA ARG B 139 20.04 -2.17 14.54
C ARG B 139 19.57 -3.46 15.23
N VAL B 140 19.95 -4.58 14.64
CA VAL B 140 19.56 -5.89 15.18
C VAL B 140 20.29 -6.11 16.50
N SER B 141 19.54 -6.46 17.54
CA SER B 141 20.11 -6.66 18.86
C SER B 141 20.44 -8.13 19.13
N ARG B 142 19.60 -9.04 18.66
CA ARG B 142 19.80 -10.46 18.90
C ARG B 142 19.01 -11.27 17.89
N GLU B 143 19.58 -12.42 17.50
CA GLU B 143 18.89 -13.40 16.67
C GLU B 143 18.78 -14.71 17.44
N LEU B 144 17.56 -15.22 17.55
CA LEU B 144 17.28 -16.45 18.29
C LEU B 144 16.99 -17.57 17.31
N ALA B 145 17.78 -18.63 17.36
CA ALA B 145 17.64 -19.77 16.47
C ALA B 145 17.51 -21.05 17.28
N GLY B 146 16.83 -22.03 16.70
CA GLY B 146 16.62 -23.29 17.37
C GLY B 146 15.28 -23.94 17.05
N HIS B 147 14.33 -23.16 16.53
CA HIS B 147 13.07 -23.71 16.08
C HIS B 147 13.25 -24.38 14.73
N THR B 148 12.57 -25.52 14.53
CA THR B 148 12.63 -26.27 13.29
C THR B 148 11.42 -26.02 12.39
N GLY B 149 10.54 -25.09 12.77
CA GLY B 149 9.40 -24.75 11.94
C GLY B 149 9.19 -23.25 11.96
N TYR B 150 8.36 -22.79 11.02
CA TYR B 150 8.14 -21.36 10.85
C TYR B 150 7.50 -20.76 12.09
N LEU B 151 7.88 -19.52 12.40
CA LEU B 151 7.37 -18.84 13.57
C LEU B 151 5.97 -18.33 13.32
N SER B 152 5.05 -18.68 14.22
CA SER B 152 3.65 -18.28 14.11
C SER B 152 3.31 -17.08 14.98
N CYS B 153 3.89 -17.00 16.18
CA CYS B 153 3.58 -15.92 17.11
C CYS B 153 4.76 -15.71 18.04
N CYS B 154 4.87 -14.49 18.57
CA CYS B 154 5.90 -14.15 19.54
C CYS B 154 5.39 -13.00 20.39
N ARG B 155 5.58 -13.10 21.70
CA ARG B 155 5.10 -12.09 22.63
C ARG B 155 6.15 -11.79 23.68
N PHE B 156 6.41 -10.51 23.92
CA PHE B 156 7.40 -10.08 24.90
C PHE B 156 6.83 -10.28 26.29
N LEU B 157 7.27 -11.34 26.97
CA LEU B 157 6.86 -11.55 28.34
C LEU B 157 7.46 -10.49 29.26
N ASP B 158 8.67 -10.05 28.97
CA ASP B 158 9.37 -9.05 29.77
C ASP B 158 10.44 -8.44 28.86
N ASP B 159 11.18 -7.47 29.39
CA ASP B 159 12.23 -6.83 28.61
C ASP B 159 13.37 -7.78 28.28
N ASN B 160 13.49 -8.90 29.01
CA ASN B 160 14.54 -9.87 28.77
C ASN B 160 14.04 -11.26 28.41
N GLN B 161 12.72 -11.49 28.46
CA GLN B 161 12.14 -12.78 28.13
C GLN B 161 11.13 -12.63 27.01
N ILE B 162 11.09 -13.61 26.12
CA ILE B 162 10.13 -13.67 25.03
C ILE B 162 9.68 -15.12 24.85
N VAL B 163 8.41 -15.33 24.56
CA VAL B 163 7.84 -16.65 24.33
C VAL B 163 7.42 -16.74 22.87
N THR B 164 7.77 -17.85 22.23
CA THR B 164 7.60 -18.02 20.79
C THR B 164 6.94 -19.35 20.49
N SER B 165 5.96 -19.34 19.60
CA SER B 165 5.32 -20.55 19.10
C SER B 165 5.73 -20.78 17.67
N SER B 166 5.96 -22.05 17.31
CA SER B 166 6.49 -22.40 16.01
C SER B 166 5.64 -23.49 15.37
N GLY B 167 5.89 -23.72 14.08
CA GLY B 167 5.17 -24.70 13.30
C GLY B 167 5.62 -26.12 13.48
N ASP B 168 6.60 -26.39 14.34
CA ASP B 168 7.03 -27.73 14.67
C ASP B 168 6.38 -28.24 15.96
N THR B 169 5.18 -27.76 16.26
CA THR B 169 4.36 -28.26 17.38
C THR B 169 5.06 -28.11 18.72
N THR B 170 5.63 -26.93 18.97
CA THR B 170 6.28 -26.68 20.25
C THR B 170 6.32 -25.17 20.50
N CYS B 171 6.53 -24.83 21.77
CA CYS B 171 6.70 -23.45 22.21
C CYS B 171 7.93 -23.37 23.10
N ALA B 172 8.62 -22.23 23.05
CA ALA B 172 9.86 -22.06 23.78
C ALA B 172 9.89 -20.71 24.49
N LEU B 173 10.61 -20.67 25.60
CA LEU B 173 10.85 -19.44 26.35
C LEU B 173 12.33 -19.13 26.29
N TRP B 174 12.66 -17.90 25.87
CA TRP B 174 14.03 -17.52 25.57
C TRP B 174 14.56 -16.50 26.56
N ASP B 175 15.88 -16.50 26.73
CA ASP B 175 16.60 -15.45 27.45
C ASP B 175 17.33 -14.62 26.42
N ILE B 176 16.91 -13.36 26.26
CA ILE B 176 17.40 -12.54 25.16
C ILE B 176 18.89 -12.25 25.32
N GLU B 177 19.32 -11.91 26.54
CA GLU B 177 20.72 -11.55 26.76
C GLU B 177 21.64 -12.73 26.45
N THR B 178 21.30 -13.92 26.97
CA THR B 178 22.14 -15.09 26.74
C THR B 178 21.99 -15.61 25.32
N GLY B 179 20.76 -15.67 24.82
CA GLY B 179 20.47 -16.22 23.51
C GLY B 179 20.07 -17.67 23.48
N GLN B 180 19.90 -18.30 24.64
CA GLN B 180 19.51 -19.70 24.74
C GLN B 180 18.14 -19.80 25.39
N GLN B 181 17.35 -20.77 24.93
CA GLN B 181 16.01 -20.97 25.49
C GLN B 181 16.09 -21.73 26.81
N THR B 182 15.28 -21.30 27.76
CA THR B 182 15.29 -21.87 29.10
C THR B 182 14.41 -23.12 29.20
N THR B 183 13.12 -22.97 28.89
CA THR B 183 12.17 -24.07 28.99
C THR B 183 11.43 -24.26 27.68
N THR B 184 11.03 -25.50 27.42
CA THR B 184 10.32 -25.87 26.21
C THR B 184 8.99 -26.49 26.57
N PHE B 185 7.93 -26.07 25.90
CA PHE B 185 6.57 -26.56 26.15
C PHE B 185 6.17 -27.47 25.01
N THR B 186 6.14 -28.77 25.26
CA THR B 186 5.75 -29.77 24.27
C THR B 186 4.48 -30.47 24.71
N GLY B 187 3.75 -30.99 23.72
CA GLY B 187 2.51 -31.68 23.99
C GLY B 187 1.45 -31.53 22.92
N HIS B 188 1.58 -30.50 22.07
CA HIS B 188 0.67 -30.33 20.96
C HIS B 188 0.99 -31.33 19.86
N THR B 189 -0.05 -31.66 19.07
CA THR B 189 0.10 -32.58 17.96
C THR B 189 0.25 -31.86 16.62
N GLY B 190 -0.57 -30.85 16.36
CA GLY B 190 -0.47 -30.05 15.17
C GLY B 190 0.34 -28.77 15.42
N ASP B 191 0.53 -28.02 14.33
CA ASP B 191 1.29 -26.78 14.40
C ASP B 191 0.59 -25.77 15.30
N VAL B 192 1.36 -25.10 16.14
CA VAL B 192 0.82 -24.08 17.03
C VAL B 192 0.68 -22.78 16.25
N MET B 193 -0.52 -22.22 16.25
CA MET B 193 -0.83 -21.06 15.42
C MET B 193 -0.94 -19.75 16.19
N SER B 194 -1.19 -19.80 17.50
CA SER B 194 -1.38 -18.57 18.25
C SER B 194 -1.05 -18.82 19.71
N LEU B 195 -0.84 -17.72 20.44
CA LEU B 195 -0.71 -17.77 21.88
C LEU B 195 -1.17 -16.43 22.45
N SER B 196 -1.55 -16.45 23.73
CA SER B 196 -2.01 -15.26 24.41
C SER B 196 -1.51 -15.29 25.85
N LEU B 197 -1.01 -14.15 26.32
CA LEU B 197 -0.49 -14.05 27.67
C LEU B 197 -1.55 -13.52 28.62
N ALA B 198 -1.59 -14.08 29.83
CA ALA B 198 -2.53 -13.62 30.84
C ALA B 198 -2.16 -12.21 31.29
N PRO B 199 -3.16 -11.42 31.73
CA PRO B 199 -2.85 -10.06 32.20
C PRO B 199 -1.87 -10.02 33.37
N ASP B 200 -1.84 -11.05 34.21
CA ASP B 200 -0.89 -11.11 35.31
C ASP B 200 0.48 -11.64 34.89
N THR B 201 0.63 -12.05 33.63
CA THR B 201 1.90 -12.54 33.09
C THR B 201 2.44 -13.70 33.92
N ARG B 202 1.54 -14.62 34.27
CA ARG B 202 1.90 -15.84 35.00
C ARG B 202 1.50 -17.11 34.26
N LEU B 203 0.61 -17.02 33.28
CA LEU B 203 0.11 -18.16 32.55
C LEU B 203 -0.10 -17.73 31.10
N PHE B 204 -0.13 -18.70 30.20
CA PHE B 204 -0.46 -18.38 28.81
C PHE B 204 -1.15 -19.59 28.19
N VAL B 205 -1.84 -19.33 27.08
CA VAL B 205 -2.66 -20.32 26.40
C VAL B 205 -2.28 -20.33 24.93
N SER B 206 -2.33 -21.51 24.32
CA SER B 206 -1.97 -21.67 22.92
C SER B 206 -2.97 -22.58 22.23
N GLY B 207 -3.22 -22.31 20.96
CA GLY B 207 -4.08 -23.15 20.13
C GLY B 207 -3.30 -23.72 18.95
N ALA B 208 -3.64 -24.95 18.57
CA ALA B 208 -2.88 -25.68 17.57
C ALA B 208 -3.82 -26.25 16.52
N CYS B 209 -3.24 -26.97 15.56
CA CYS B 209 -3.98 -27.54 14.44
C CYS B 209 -4.65 -28.87 14.77
N ASP B 210 -4.39 -29.44 15.94
CA ASP B 210 -5.13 -30.61 16.38
C ASP B 210 -6.45 -30.24 17.04
N ALA B 211 -6.95 -29.03 16.80
CA ALA B 211 -8.23 -28.56 17.30
C ALA B 211 -8.32 -28.63 18.82
N SER B 212 -7.22 -28.28 19.49
CA SER B 212 -7.18 -28.27 20.95
C SER B 212 -6.39 -27.07 21.42
N ALA B 213 -6.73 -26.59 22.61
CA ALA B 213 -6.02 -25.51 23.28
C ALA B 213 -5.53 -25.99 24.63
N LYS B 214 -4.38 -25.48 25.05
CA LYS B 214 -3.75 -25.90 26.29
C LYS B 214 -3.31 -24.69 27.10
N LEU B 215 -3.38 -24.83 28.42
CA LEU B 215 -2.96 -23.81 29.35
C LEU B 215 -1.63 -24.21 29.96
N TRP B 216 -0.63 -23.35 29.84
CA TRP B 216 0.73 -23.65 30.27
C TRP B 216 1.14 -22.74 31.42
N ASP B 217 2.03 -23.26 32.27
CA ASP B 217 2.63 -22.49 33.35
C ASP B 217 4.05 -22.12 32.96
N VAL B 218 4.37 -20.83 33.03
CA VAL B 218 5.65 -20.35 32.52
C VAL B 218 6.82 -20.88 33.36
N ARG B 219 6.72 -20.76 34.68
CA ARG B 219 7.83 -21.16 35.53
C ARG B 219 8.02 -22.67 35.54
N GLU B 220 6.93 -23.42 35.75
CA GLU B 220 7.04 -24.87 35.86
C GLU B 220 7.24 -25.56 34.53
N GLY B 221 6.70 -24.99 33.45
CA GLY B 221 6.77 -25.65 32.16
C GLY B 221 5.81 -26.81 32.00
N MET B 222 4.70 -26.80 32.73
CA MET B 222 3.74 -27.89 32.73
C MET B 222 2.41 -27.42 32.17
N CYS B 223 1.63 -28.39 31.68
CA CYS B 223 0.31 -28.14 31.14
C CYS B 223 -0.73 -28.39 32.23
N ARG B 224 -1.61 -27.41 32.44
CA ARG B 224 -2.61 -27.50 33.50
C ARG B 224 -3.93 -28.08 33.00
N GLN B 225 -4.46 -27.55 31.89
CA GLN B 225 -5.75 -27.98 31.38
C GLN B 225 -5.69 -28.07 29.86
N THR B 226 -6.59 -28.87 29.30
CA THR B 226 -6.73 -29.05 27.87
C THR B 226 -8.19 -28.88 27.47
N PHE B 227 -8.43 -28.16 26.38
CA PHE B 227 -9.77 -27.87 25.88
C PHE B 227 -9.89 -28.35 24.45
N THR B 228 -10.96 -29.09 24.15
CA THR B 228 -11.18 -29.70 22.85
C THR B 228 -12.61 -29.49 22.36
N GLY B 229 -13.08 -28.24 22.40
CA GLY B 229 -14.44 -27.96 21.99
C GLY B 229 -14.65 -27.78 20.50
N HIS B 230 -13.61 -27.35 19.79
CA HIS B 230 -13.76 -26.98 18.38
C HIS B 230 -13.78 -28.22 17.49
N GLU B 231 -13.95 -27.98 16.19
CA GLU B 231 -14.00 -29.04 15.20
C GLU B 231 -12.90 -28.96 14.15
N SER B 232 -12.42 -27.75 13.84
CA SER B 232 -11.38 -27.54 12.84
C SER B 232 -10.19 -26.82 13.48
N ASP B 233 -9.27 -26.38 12.63
CA ASP B 233 -8.09 -25.66 13.10
C ASP B 233 -8.51 -24.34 13.76
N ILE B 234 -7.85 -23.98 14.85
CA ILE B 234 -8.09 -22.72 15.54
C ILE B 234 -6.94 -21.77 15.26
N ASN B 235 -7.27 -20.58 14.76
CA ASN B 235 -6.29 -19.61 14.30
C ASN B 235 -6.08 -18.43 15.24
N ALA B 236 -7.04 -18.13 16.11
CA ALA B 236 -6.97 -16.99 17.00
C ALA B 236 -7.36 -17.39 18.41
N ILE B 237 -6.83 -16.67 19.39
CA ILE B 237 -7.11 -16.96 20.80
C ILE B 237 -6.80 -15.70 21.60
N CYS B 238 -7.57 -15.49 22.67
CA CYS B 238 -7.45 -14.25 23.44
C CYS B 238 -8.06 -14.37 24.83
N PHE B 239 -7.34 -13.94 25.86
CA PHE B 239 -7.86 -13.92 27.22
C PHE B 239 -8.92 -12.84 27.44
N PHE B 240 -9.85 -13.14 28.34
CA PHE B 240 -10.73 -12.16 28.91
C PHE B 240 -9.91 -11.14 29.72
N PRO B 241 -10.37 -9.89 29.79
CA PRO B 241 -9.64 -8.90 30.61
C PRO B 241 -9.51 -9.31 32.07
N ASN B 242 -10.49 -10.04 32.61
CA ASN B 242 -10.38 -10.55 33.98
C ASN B 242 -9.24 -11.54 34.11
N GLY B 243 -9.06 -12.41 33.11
CA GLY B 243 -8.04 -13.43 33.16
C GLY B 243 -8.53 -14.82 33.51
N ASN B 244 -9.83 -15.01 33.70
CA ASN B 244 -10.39 -16.30 34.05
C ASN B 244 -11.13 -16.96 32.90
N ALA B 245 -10.97 -16.46 31.68
CA ALA B 245 -11.63 -17.02 30.51
C ALA B 245 -10.88 -16.59 29.27
N PHE B 246 -11.17 -17.26 28.16
CA PHE B 246 -10.58 -16.91 26.88
C PHE B 246 -11.50 -17.38 25.76
N ALA B 247 -11.32 -16.78 24.58
CA ALA B 247 -12.13 -17.08 23.41
C ALA B 247 -11.25 -17.51 22.26
N THR B 248 -11.74 -18.46 21.47
CA THR B 248 -10.99 -19.06 20.37
C THR B 248 -11.80 -18.97 19.07
N GLY B 249 -11.11 -18.69 17.97
CA GLY B 249 -11.74 -18.68 16.67
C GLY B 249 -11.15 -19.71 15.72
N SER B 250 -12.00 -20.45 15.02
CA SER B 250 -11.57 -21.57 14.21
C SER B 250 -11.94 -21.35 12.74
N ASP B 251 -11.71 -22.38 11.92
CA ASP B 251 -11.99 -22.35 10.50
C ASP B 251 -13.42 -22.77 10.16
N ASP B 252 -14.20 -23.22 11.14
CA ASP B 252 -15.60 -23.57 10.91
C ASP B 252 -16.52 -22.38 11.08
N ALA B 253 -15.99 -21.15 10.99
CA ALA B 253 -16.77 -19.93 11.12
C ALA B 253 -17.51 -19.86 12.45
N THR B 254 -16.83 -20.29 13.52
CA THR B 254 -17.45 -20.36 14.83
C THR B 254 -16.43 -19.94 15.89
N CYS B 255 -16.89 -19.13 16.84
CA CYS B 255 -16.10 -18.68 17.98
C CYS B 255 -16.68 -19.27 19.26
N ARG B 256 -15.81 -19.60 20.21
CA ARG B 256 -16.24 -20.25 21.43
C ARG B 256 -15.55 -19.63 22.63
N LEU B 257 -16.23 -19.68 23.78
CA LEU B 257 -15.75 -19.10 25.02
C LEU B 257 -15.55 -20.19 26.05
N PHE B 258 -14.37 -20.23 26.66
CA PHE B 258 -14.01 -21.25 27.63
C PHE B 258 -13.75 -20.61 28.99
N ASP B 259 -14.02 -21.37 30.05
CA ASP B 259 -13.78 -20.93 31.41
C ASP B 259 -12.71 -21.81 32.04
N LEU B 260 -11.72 -21.17 32.68
CA LEU B 260 -10.64 -21.93 33.30
C LEU B 260 -11.10 -22.58 34.60
N ARG B 261 -11.87 -21.86 35.42
CA ARG B 261 -12.27 -22.38 36.72
C ARG B 261 -13.24 -23.55 36.58
N ALA B 262 -14.26 -23.41 35.73
CA ALA B 262 -15.17 -24.51 35.48
C ALA B 262 -14.58 -25.56 34.54
N ASP B 263 -13.55 -25.19 33.77
CA ASP B 263 -12.83 -26.11 32.88
C ASP B 263 -13.80 -26.74 31.86
N GLN B 264 -14.55 -25.88 31.18
CA GLN B 264 -15.44 -26.31 30.10
C GLN B 264 -15.90 -25.08 29.35
N GLU B 265 -16.85 -25.26 28.43
CA GLU B 265 -17.30 -24.21 27.54
C GLU B 265 -18.48 -23.45 28.13
N LEU B 266 -18.63 -22.19 27.70
CA LEU B 266 -19.68 -21.32 28.19
C LEU B 266 -20.64 -20.86 27.10
N MET B 267 -20.13 -20.38 25.97
CA MET B 267 -20.96 -19.79 24.95
C MET B 267 -20.40 -20.11 23.57
N THR B 268 -21.27 -20.06 22.56
CA THR B 268 -20.90 -20.26 21.16
C THR B 268 -21.42 -19.09 20.35
N TYR B 269 -20.55 -18.50 19.53
CA TYR B 269 -20.90 -17.37 18.67
C TYR B 269 -20.88 -17.83 17.22
N SER B 270 -22.06 -18.07 16.67
CA SER B 270 -22.18 -18.59 15.32
C SER B 270 -23.37 -17.93 14.64
N HIS B 271 -23.34 -17.95 13.31
CA HIS B 271 -24.43 -17.42 12.50
C HIS B 271 -24.63 -18.29 11.27
N ASP B 272 -25.84 -18.27 10.73
CA ASP B 272 -26.16 -19.09 9.56
C ASP B 272 -25.59 -18.52 8.28
N ASN B 273 -25.35 -17.21 8.22
CA ASN B 273 -24.86 -16.56 7.02
C ASN B 273 -23.34 -16.45 6.96
N ILE B 274 -22.62 -17.00 7.93
CA ILE B 274 -21.17 -16.94 7.97
C ILE B 274 -20.63 -18.32 7.65
N ILE B 275 -19.77 -18.39 6.63
CA ILE B 275 -19.16 -19.65 6.21
C ILE B 275 -17.65 -19.48 6.12
N CYS B 276 -17.18 -18.24 6.19
CA CYS B 276 -15.77 -17.95 6.10
C CYS B 276 -15.09 -18.12 7.46
N GLY B 277 -13.84 -18.56 7.43
CA GLY B 277 -13.11 -18.77 8.67
C GLY B 277 -12.75 -17.47 9.36
N ILE B 278 -12.40 -17.59 10.63
CA ILE B 278 -12.07 -16.45 11.48
C ILE B 278 -10.55 -16.30 11.52
N THR B 279 -10.08 -15.08 11.25
CA THR B 279 -8.65 -14.81 11.22
C THR B 279 -8.10 -14.31 12.55
N SER B 280 -8.85 -13.46 13.23
CA SER B 280 -8.38 -12.83 14.46
C SER B 280 -9.56 -12.54 15.37
N VAL B 281 -9.26 -12.40 16.66
CA VAL B 281 -10.28 -12.19 17.69
C VAL B 281 -9.70 -11.28 18.77
N SER B 282 -10.57 -10.52 19.42
CA SER B 282 -10.14 -9.59 20.46
C SER B 282 -11.33 -9.21 21.33
N PHE B 283 -11.03 -8.63 22.49
CA PHE B 283 -12.00 -8.19 23.46
C PHE B 283 -11.90 -6.70 23.67
N SER B 284 -12.99 -6.10 24.17
CA SER B 284 -12.98 -4.69 24.52
C SER B 284 -12.39 -4.52 25.92
N LYS B 285 -12.46 -3.31 26.48
CA LYS B 285 -11.86 -3.05 27.77
C LYS B 285 -12.60 -3.77 28.90
N SER B 286 -13.92 -3.72 28.90
CA SER B 286 -14.70 -4.36 29.94
C SER B 286 -15.09 -5.81 29.60
N GLY B 287 -14.80 -6.27 28.39
CA GLY B 287 -15.11 -7.62 27.99
C GLY B 287 -16.52 -7.85 27.51
N ARG B 288 -17.35 -6.81 27.42
CA ARG B 288 -18.73 -7.00 26.96
C ARG B 288 -18.81 -7.21 25.45
N LEU B 289 -17.84 -6.70 24.70
CA LEU B 289 -17.83 -6.81 23.25
C LEU B 289 -16.72 -7.74 22.79
N LEU B 290 -17.00 -8.52 21.75
CA LEU B 290 -16.03 -9.42 21.14
C LEU B 290 -15.84 -9.02 19.68
N LEU B 291 -14.60 -8.77 19.29
CA LEU B 291 -14.26 -8.35 17.94
C LEU B 291 -13.67 -9.53 17.18
N ALA B 292 -14.24 -9.84 16.03
CA ALA B 292 -13.79 -10.97 15.22
C ALA B 292 -13.66 -10.54 13.77
N GLY B 293 -12.57 -10.95 13.14
CA GLY B 293 -12.31 -10.68 11.72
C GLY B 293 -12.47 -11.96 10.92
N TYR B 294 -13.04 -11.84 9.72
CA TYR B 294 -13.39 -12.98 8.90
C TYR B 294 -12.67 -12.88 7.55
N ASP B 295 -12.85 -13.92 6.73
CA ASP B 295 -12.32 -13.97 5.37
C ASP B 295 -13.21 -13.27 4.36
N ASP B 296 -14.44 -12.91 4.72
CA ASP B 296 -15.38 -12.25 3.82
C ASP B 296 -15.23 -10.73 3.86
N PHE B 297 -14.06 -10.22 4.24
CA PHE B 297 -13.65 -8.84 4.06
C PHE B 297 -14.30 -7.87 5.04
N ASN B 298 -14.76 -8.33 6.19
CA ASN B 298 -15.28 -7.41 7.20
C ASN B 298 -15.18 -8.06 8.58
N CYS B 299 -15.53 -7.27 9.60
CA CYS B 299 -15.46 -7.70 10.99
C CYS B 299 -16.84 -7.63 11.63
N ASN B 300 -17.03 -8.43 12.67
CA ASN B 300 -18.29 -8.49 13.39
C ASN B 300 -18.04 -8.17 14.86
N VAL B 301 -18.97 -7.42 15.45
CA VAL B 301 -18.95 -7.12 16.88
C VAL B 301 -20.05 -7.93 17.54
N TRP B 302 -19.65 -8.84 18.41
CA TRP B 302 -20.58 -9.71 19.13
C TRP B 302 -20.81 -9.18 20.54
N ASP B 303 -21.94 -9.58 21.11
CA ASP B 303 -22.22 -9.33 22.52
C ASP B 303 -21.81 -10.57 23.30
N ALA B 304 -20.72 -10.45 24.07
CA ALA B 304 -20.13 -11.62 24.71
C ALA B 304 -21.03 -12.24 25.77
N LEU B 305 -22.03 -11.51 26.25
CA LEU B 305 -22.94 -12.02 27.27
C LEU B 305 -24.25 -12.54 26.73
N LYS B 306 -24.72 -12.00 25.60
CA LYS B 306 -25.98 -12.43 24.98
C LYS B 306 -25.79 -13.24 23.72
N ALA B 307 -24.57 -13.27 23.16
CA ALA B 307 -24.26 -14.04 21.95
C ALA B 307 -25.13 -13.63 20.77
N ASP B 308 -25.34 -12.33 20.61
CA ASP B 308 -26.01 -11.80 19.42
C ASP B 308 -25.17 -10.68 18.83
N ARG B 309 -25.26 -10.53 17.51
CA ARG B 309 -24.44 -9.56 16.81
C ARG B 309 -24.91 -8.14 17.11
N ALA B 310 -23.93 -7.25 17.32
CA ALA B 310 -24.21 -5.85 17.64
C ALA B 310 -23.87 -4.88 16.53
N GLY B 311 -22.92 -5.22 15.67
CA GLY B 311 -22.55 -4.33 14.58
C GLY B 311 -21.57 -5.01 13.64
N VAL B 312 -21.24 -4.29 12.57
CA VAL B 312 -20.28 -4.76 11.58
C VAL B 312 -19.30 -3.64 11.29
N LEU B 313 -18.10 -4.02 10.83
CA LEU B 313 -17.04 -3.09 10.46
C LEU B 313 -16.66 -3.37 9.01
N ALA B 314 -17.31 -2.68 8.09
CA ALA B 314 -17.08 -2.86 6.66
C ALA B 314 -16.27 -1.70 6.11
N GLY B 315 -15.49 -1.97 5.07
CA GLY B 315 -14.64 -0.96 4.48
C GLY B 315 -13.32 -1.48 3.95
N HIS B 316 -13.03 -2.75 4.20
CA HIS B 316 -11.81 -3.39 3.70
C HIS B 316 -12.14 -4.17 2.44
N ASP B 317 -11.26 -4.07 1.44
CA ASP B 317 -11.48 -4.70 0.14
C ASP B 317 -10.95 -6.13 0.05
N ASN B 318 -10.22 -6.60 1.05
CA ASN B 318 -9.63 -7.93 1.00
C ASN B 318 -9.73 -8.56 2.39
N ARG B 319 -9.06 -9.70 2.56
CA ARG B 319 -9.13 -10.45 3.80
C ARG B 319 -8.59 -9.62 4.97
N VAL B 320 -9.35 -9.62 6.07
CA VAL B 320 -8.91 -8.96 7.30
C VAL B 320 -7.96 -9.89 8.02
N SER B 321 -6.67 -9.55 8.02
CA SER B 321 -5.63 -10.45 8.52
C SER B 321 -5.29 -10.22 9.98
N CYS B 322 -5.27 -8.96 10.42
CA CYS B 322 -4.87 -8.63 11.78
C CYS B 322 -5.86 -7.65 12.39
N LEU B 323 -5.94 -7.68 13.71
CA LEU B 323 -6.93 -6.89 14.44
C LEU B 323 -6.45 -6.72 15.88
N GLY B 324 -6.53 -5.50 16.38
CA GLY B 324 -6.09 -5.21 17.73
C GLY B 324 -6.85 -4.07 18.35
N VAL B 325 -7.04 -4.15 19.67
CA VAL B 325 -7.71 -3.13 20.45
C VAL B 325 -6.69 -2.49 21.37
N THR B 326 -6.71 -1.16 21.46
CA THR B 326 -5.74 -0.44 22.28
C THR B 326 -5.96 -0.74 23.76
N ASP B 327 -4.97 -0.35 24.56
CA ASP B 327 -4.96 -0.75 25.97
C ASP B 327 -6.02 -0.04 26.79
N ASP B 328 -6.37 1.21 26.44
CA ASP B 328 -7.39 1.95 27.16
C ASP B 328 -8.76 1.87 26.51
N GLY B 329 -8.91 1.04 25.47
CA GLY B 329 -10.21 0.83 24.86
C GLY B 329 -10.75 1.99 24.08
N MET B 330 -9.88 2.84 23.53
CA MET B 330 -10.31 4.02 22.79
C MET B 330 -10.53 3.73 21.31
N ALA B 331 -9.63 2.97 20.68
CA ALA B 331 -9.69 2.75 19.24
C ALA B 331 -9.39 1.29 18.92
N VAL B 332 -9.79 0.89 17.73
CA VAL B 332 -9.53 -0.45 17.19
C VAL B 332 -8.79 -0.28 15.87
N ALA B 333 -7.69 -1.02 15.72
CA ALA B 333 -6.90 -0.99 14.49
C ALA B 333 -7.11 -2.31 13.73
N THR B 334 -7.29 -2.20 12.43
CA THR B 334 -7.54 -3.35 11.57
C THR B 334 -6.64 -3.28 10.34
N GLY B 335 -5.96 -4.38 10.05
CA GLY B 335 -5.17 -4.48 8.84
C GLY B 335 -5.75 -5.50 7.88
N SER B 336 -5.34 -5.46 6.62
CA SER B 336 -5.89 -6.38 5.63
C SER B 336 -4.89 -6.60 4.52
N TRP B 337 -5.30 -7.37 3.52
CA TRP B 337 -4.44 -7.76 2.41
C TRP B 337 -4.48 -6.76 1.25
N ASP B 338 -5.22 -5.67 1.39
CA ASP B 338 -5.20 -4.60 0.39
C ASP B 338 -4.20 -3.51 0.72
N SER B 339 -3.31 -3.74 1.71
CA SER B 339 -2.19 -2.86 2.03
C SER B 339 -2.68 -1.53 2.62
N PHE B 340 -3.60 -1.60 3.57
CA PHE B 340 -4.10 -0.43 4.26
C PHE B 340 -4.35 -0.75 5.73
N LEU B 341 -4.23 0.28 6.57
CA LEU B 341 -4.53 0.20 7.99
C LEU B 341 -5.60 1.22 8.32
N LYS B 342 -6.62 0.80 9.06
CA LYS B 342 -7.73 1.67 9.43
C LYS B 342 -7.89 1.66 10.94
N ILE B 343 -8.21 2.83 11.49
CA ILE B 343 -8.45 3.01 12.91
C ILE B 343 -9.89 3.43 13.11
N TRP B 344 -10.62 2.69 13.94
CA TRP B 344 -12.04 2.90 14.15
C TRP B 344 -12.29 3.43 15.55
N ASN B 345 -13.36 4.20 15.70
CA ASN B 345 -13.70 4.81 16.97
C ASN B 345 -15.20 5.04 17.09
N ILE C 9 5.87 -46.97 23.64
CA ILE C 9 5.51 -47.25 25.03
C ILE C 9 5.81 -46.04 25.90
N ALA C 10 6.93 -45.37 25.61
CA ALA C 10 7.29 -44.18 26.36
C ALA C 10 6.26 -43.07 26.16
N GLN C 11 5.78 -42.89 24.93
CA GLN C 11 4.75 -41.90 24.67
C GLN C 11 3.44 -42.26 25.38
N ALA C 12 3.11 -43.56 25.40
CA ALA C 12 1.88 -43.98 26.05
C ALA C 12 1.90 -43.70 27.54
N ARG C 13 3.05 -43.94 28.19
CA ARG C 13 3.15 -43.66 29.61
C ARG C 13 3.06 -42.16 29.90
N LYS C 14 3.67 -41.34 29.05
CA LYS C 14 3.61 -39.90 29.24
C LYS C 14 2.18 -39.39 29.10
N LEU C 15 1.43 -39.93 28.13
CA LEU C 15 0.05 -39.50 27.95
C LEU C 15 -0.81 -39.84 29.15
N VAL C 16 -0.61 -41.02 29.73
CA VAL C 16 -1.39 -41.41 30.92
C VAL C 16 -1.02 -40.54 32.11
N GLU C 17 0.28 -40.27 32.29
CA GLU C 17 0.71 -39.47 33.43
C GLU C 17 0.15 -38.06 33.36
N GLN C 18 0.13 -37.46 32.16
CA GLN C 18 -0.47 -36.14 32.00
C GLN C 18 -1.97 -36.18 32.26
N LEU C 19 -2.65 -37.22 31.76
CA LEU C 19 -4.09 -37.32 31.94
C LEU C 19 -4.44 -37.50 33.41
N LYS C 20 -3.66 -38.29 34.13
CA LYS C 20 -3.92 -38.50 35.56
C LYS C 20 -3.79 -37.19 36.33
N MET C 21 -2.78 -36.39 36.01
CA MET C 21 -2.61 -35.10 36.68
C MET C 21 -3.75 -34.15 36.35
N GLU C 22 -4.21 -34.15 35.10
CA GLU C 22 -5.30 -33.27 34.70
C GLU C 22 -6.65 -33.74 35.21
N ALA C 23 -6.78 -35.01 35.60
CA ALA C 23 -8.05 -35.52 36.07
C ALA C 23 -8.40 -34.99 37.45
N ASN C 24 -7.41 -34.85 38.33
CA ASN C 24 -7.64 -34.48 39.72
C ASN C 24 -7.36 -32.98 39.90
N ILE C 25 -8.33 -32.17 39.50
CA ILE C 25 -8.29 -30.73 39.74
C ILE C 25 -9.64 -30.29 40.30
N ASP C 26 -9.62 -29.18 41.03
CA ASP C 26 -10.85 -28.65 41.62
C ASP C 26 -11.66 -27.91 40.57
N ARG C 27 -12.98 -28.09 40.61
CA ARG C 27 -13.89 -27.43 39.69
C ARG C 27 -15.02 -26.78 40.46
N ILE C 28 -15.50 -25.65 39.94
CA ILE C 28 -16.62 -24.93 40.51
C ILE C 28 -17.76 -24.93 39.50
N LYS C 29 -18.97 -24.75 40.01
CA LYS C 29 -20.16 -24.83 39.17
C LYS C 29 -20.14 -23.73 38.11
N VAL C 30 -20.78 -24.03 36.96
CA VAL C 30 -20.84 -23.05 35.87
C VAL C 30 -21.60 -21.81 36.29
N SER C 31 -22.60 -21.97 37.18
CA SER C 31 -23.35 -20.82 37.65
C SER C 31 -22.45 -19.83 38.37
N LYS C 32 -21.54 -20.32 39.21
CA LYS C 32 -20.60 -19.43 39.90
C LYS C 32 -19.63 -18.79 38.92
N ALA C 33 -19.18 -19.55 37.91
CA ALA C 33 -18.27 -19.00 36.92
C ALA C 33 -18.93 -17.93 36.07
N ALA C 34 -20.19 -18.15 35.69
CA ALA C 34 -20.88 -17.18 34.83
C ALA C 34 -21.21 -15.89 35.58
N ALA C 35 -21.52 -16.00 36.87
CA ALA C 35 -21.85 -14.81 37.64
C ALA C 35 -20.65 -13.87 37.77
N ASP C 36 -19.44 -14.42 37.85
CA ASP C 36 -18.25 -13.59 37.95
C ASP C 36 -18.05 -12.75 36.70
N LEU C 37 -18.29 -13.33 35.52
CA LEU C 37 -18.16 -12.56 34.29
C LEU C 37 -19.18 -11.43 34.23
N MET C 38 -20.42 -11.69 34.67
CA MET C 38 -21.41 -10.63 34.73
C MET C 38 -21.01 -9.53 35.70
N ALA C 39 -20.48 -9.91 36.86
CA ALA C 39 -20.08 -8.91 37.85
C ALA C 39 -18.98 -8.02 37.32
N TYR C 40 -18.02 -8.60 36.58
CA TYR C 40 -16.90 -7.81 36.06
C TYR C 40 -17.38 -6.83 35.00
N CYS C 41 -18.29 -7.25 34.13
CA CYS C 41 -18.72 -6.39 33.02
C CYS C 41 -19.57 -5.23 33.52
N GLU C 42 -20.50 -5.49 34.44
CA GLU C 42 -21.34 -4.44 34.99
C GLU C 42 -20.61 -3.52 35.95
N ALA C 43 -19.39 -3.88 36.36
CA ALA C 43 -18.59 -2.99 37.20
C ALA C 43 -17.73 -2.03 36.38
N HIS C 44 -17.21 -2.50 35.25
CA HIS C 44 -16.35 -1.70 34.38
C HIS C 44 -17.08 -1.16 33.17
N ALA C 45 -18.42 -1.22 33.15
CA ALA C 45 -19.18 -0.76 32.00
C ALA C 45 -19.02 0.74 31.79
N LYS C 46 -18.99 1.51 32.88
CA LYS C 46 -18.91 2.96 32.76
C LYS C 46 -17.60 3.41 32.14
N GLU C 47 -16.52 2.65 32.34
CA GLU C 47 -15.18 3.03 31.87
C GLU C 47 -14.84 2.36 30.54
N ASP C 48 -15.82 2.10 29.69
CA ASP C 48 -15.59 1.49 28.39
C ASP C 48 -15.94 2.47 27.28
N PRO C 49 -14.96 3.07 26.62
CA PRO C 49 -15.27 4.03 25.54
C PRO C 49 -16.04 3.41 24.37
N LEU C 50 -15.84 2.13 24.08
CA LEU C 50 -16.47 1.54 22.90
C LEU C 50 -17.96 1.31 23.13
N LEU C 51 -18.34 0.86 24.34
CA LEU C 51 -19.76 0.74 24.66
C LEU C 51 -20.44 2.10 24.70
N THR C 52 -19.85 3.04 25.46
CA THR C 52 -20.46 4.35 25.66
C THR C 52 -19.64 5.40 24.90
N PRO C 53 -20.18 6.00 23.84
CA PRO C 53 -19.41 6.99 23.09
C PRO C 53 -19.04 8.18 23.97
N VAL C 54 -17.83 8.69 23.75
CA VAL C 54 -17.31 9.82 24.53
C VAL C 54 -17.54 11.11 23.73
N PRO C 55 -17.65 12.26 24.39
CA PRO C 55 -17.78 13.52 23.65
C PRO C 55 -16.55 13.79 22.79
N ALA C 56 -16.78 14.50 21.69
CA ALA C 56 -15.70 14.81 20.76
C ALA C 56 -14.64 15.71 21.37
N SER C 57 -14.96 16.39 22.49
CA SER C 57 -13.97 17.23 23.14
C SER C 57 -12.81 16.41 23.68
N GLU C 58 -13.09 15.24 24.25
CA GLU C 58 -12.07 14.37 24.82
C GLU C 58 -11.82 13.13 23.96
N ASN C 59 -12.04 13.23 22.65
CA ASN C 59 -11.73 12.14 21.74
C ASN C 59 -10.41 12.44 21.03
N PRO C 60 -9.35 11.68 21.29
CA PRO C 60 -8.06 11.98 20.64
C PRO C 60 -8.05 11.72 19.14
N PHE C 61 -9.02 10.96 18.61
CA PHE C 61 -9.04 10.60 17.20
C PHE C 61 -10.09 11.39 16.42
N ARG C 62 -10.69 12.41 17.02
CA ARG C 62 -11.63 13.27 16.32
C ARG C 62 -11.75 14.61 17.03
N ILE D 1 -22.63 41.24 -47.51
CA ILE D 1 -23.16 42.31 -48.36
C ILE D 1 -24.30 41.77 -49.21
N LYS D 2 -25.51 42.22 -48.91
CA LYS D 2 -26.67 41.81 -49.69
C LYS D 2 -26.59 42.38 -51.10
N PRO D 3 -26.92 41.60 -52.13
CA PRO D 3 -26.89 42.14 -53.50
C PRO D 3 -27.81 43.34 -53.69
N GLU D 4 -28.99 43.31 -53.07
CA GLU D 4 -29.92 44.44 -53.03
C GLU D 4 -30.52 44.71 -54.42
N ALA D 5 -30.08 43.96 -55.43
CA ALA D 5 -30.57 44.16 -56.79
C ALA D 5 -31.98 43.60 -56.96
N LEU D 15 -32.02 38.50 -64.12
CA LEU D 15 -32.63 38.21 -62.83
C LEU D 15 -32.29 36.80 -62.36
N ASN D 16 -32.01 35.92 -63.33
CA ASN D 16 -31.66 34.54 -62.98
C ASN D 16 -30.35 34.48 -62.20
N ARG D 17 -29.35 35.27 -62.63
CA ARG D 17 -28.09 35.32 -61.89
C ARG D 17 -28.22 36.04 -60.56
N TYR D 18 -29.24 36.89 -60.42
CA TYR D 18 -29.46 37.58 -59.14
C TYR D 18 -29.83 36.60 -58.04
N TYR D 19 -30.67 35.62 -58.35
CA TYR D 19 -31.06 34.65 -57.35
C TYR D 19 -29.90 33.76 -56.93
N ALA D 20 -28.90 33.61 -57.80
CA ALA D 20 -27.71 32.85 -57.42
C ALA D 20 -26.96 33.53 -56.28
N SER D 21 -26.89 34.87 -56.30
CA SER D 21 -26.23 35.60 -55.22
C SER D 21 -26.99 35.47 -53.91
N LEU D 22 -28.32 35.51 -53.97
CA LEU D 22 -29.12 35.37 -52.76
C LEU D 22 -28.92 34.02 -52.11
N ARG D 23 -28.90 32.94 -52.91
CA ARG D 23 -28.64 31.62 -52.38
C ARG D 23 -27.23 31.52 -51.80
N HIS D 24 -26.26 32.15 -52.47
CA HIS D 24 -24.90 32.18 -51.95
C HIS D 24 -24.82 32.94 -50.65
N TYR D 25 -25.56 34.04 -50.53
CA TYR D 25 -25.52 34.83 -49.30
C TYR D 25 -26.20 34.11 -48.15
N LEU D 26 -27.35 33.46 -48.42
CA LEU D 26 -28.05 32.76 -47.35
C LEU D 26 -27.21 31.60 -46.82
N ASN D 27 -26.55 30.86 -47.70
CA ASN D 27 -25.74 29.73 -47.26
C ASN D 27 -24.50 30.19 -46.51
N LEU D 28 -24.01 31.41 -46.80
CA LEU D 28 -22.82 31.89 -46.13
C LEU D 28 -23.09 32.23 -44.67
N VAL D 29 -24.18 32.96 -44.41
CA VAL D 29 -24.50 33.33 -43.04
C VAL D 29 -24.95 32.12 -42.22
N THR D 30 -25.78 31.27 -42.80
CA THR D 30 -26.26 30.06 -42.13
C THR D 30 -25.26 28.94 -42.44
N ARG D 31 -24.13 28.97 -41.72
CA ARG D 31 -23.05 28.02 -41.93
C ARG D 31 -22.59 27.46 -40.60
N GLN D 32 -22.24 26.18 -40.61
CA GLN D 32 -21.81 25.46 -39.42
C GLN D 32 -20.47 24.81 -39.66
N ARG D 33 -19.84 24.35 -38.58
CA ARG D 33 -18.54 23.70 -38.67
C ARG D 33 -18.58 22.29 -38.10
N TYC D 34 -19.42 22.09 -37.09
CA TYC D 34 -19.62 20.76 -36.52
C TYC D 34 -21.11 20.51 -36.33
O TYC D 34 -21.89 20.90 -37.14
CB TYC D 34 -18.87 20.59 -35.20
CG TYC D 34 -17.38 20.88 -35.27
CD1 TYC D 34 -16.89 22.08 -34.79
CD2 TYC D 34 -16.52 19.94 -35.80
CE1 TYC D 34 -15.54 22.36 -34.85
CE2 TYC D 34 -15.16 20.21 -35.86
OH TYC D 34 -13.30 21.68 -35.44
CZ TYC D 34 -14.67 21.42 -35.38
NXT TYC D 34 -21.57 19.79 -35.16
N LEU E 41 -36.70 30.42 -53.99
CA LEU E 41 -35.58 30.53 -53.07
C LEU E 41 -35.73 29.55 -51.92
N ILE E 42 -36.00 28.29 -52.25
CA ILE E 42 -36.14 27.23 -51.25
C ILE E 42 -35.26 26.05 -51.65
N ASP E 43 -34.87 25.27 -50.66
CA ASP E 43 -34.03 24.10 -50.84
C ASP E 43 -34.88 22.83 -50.72
N SER E 44 -34.20 21.69 -50.80
CA SER E 44 -34.90 20.40 -50.69
C SER E 44 -35.29 20.09 -49.25
N THR E 45 -34.64 20.71 -48.27
CA THR E 45 -34.91 20.40 -46.87
C THR E 45 -36.30 20.82 -46.43
N LYS E 46 -36.94 21.74 -47.16
CA LYS E 46 -38.28 22.20 -46.79
C LYS E 46 -39.33 21.11 -46.97
N LEU E 47 -39.10 20.15 -47.87
CA LEU E 47 -40.05 19.08 -48.08
C LEU E 47 -40.11 18.17 -46.87
N ILE E 48 -41.32 17.77 -46.48
CA ILE E 48 -41.49 16.89 -45.34
C ILE E 48 -41.01 15.47 -45.63
N GLU E 49 -40.86 15.11 -46.91
CA GLU E 49 -40.37 13.78 -47.24
C GLU E 49 -38.94 13.59 -46.74
N VAL E 50 -38.10 14.60 -46.89
CA VAL E 50 -36.73 14.53 -46.37
C VAL E 50 -36.62 15.04 -44.94
N GLN E 51 -37.53 15.90 -44.50
CA GLN E 51 -37.44 16.45 -43.15
C GLN E 51 -37.78 15.39 -42.10
N VAL E 52 -38.78 14.54 -42.38
CA VAL E 52 -39.13 13.49 -41.43
C VAL E 52 -38.03 12.44 -41.35
N VAL E 53 -37.42 12.11 -42.50
CA VAL E 53 -36.38 11.09 -42.52
C VAL E 53 -35.18 11.52 -41.68
N LEU E 54 -34.77 12.78 -41.79
CA LEU E 54 -33.58 13.24 -41.08
C LEU E 54 -33.76 13.14 -39.57
N ILE E 55 -34.94 13.50 -39.06
CA ILE E 55 -35.17 13.42 -37.62
C ILE E 55 -35.08 11.98 -37.14
N LEU E 56 -35.69 11.06 -37.88
CA LEU E 56 -35.65 9.65 -37.48
C LEU E 56 -34.23 9.09 -37.52
N ALA E 57 -33.45 9.46 -38.56
CA ALA E 57 -32.07 9.01 -38.63
C ALA E 57 -31.23 9.57 -37.50
N TYR E 58 -31.44 10.85 -37.16
CA TYR E 58 -30.68 11.45 -36.07
C TYR E 58 -31.08 10.87 -34.72
N CYS E 59 -32.36 10.51 -34.55
CA CYS E 59 -32.81 9.97 -33.28
C CYS E 59 -32.16 8.62 -32.97
N SER E 60 -32.02 7.76 -33.99
CA SER E 60 -31.42 6.45 -33.78
C SER E 60 -29.97 6.59 -33.33
N ILE E 61 -29.23 7.52 -33.91
CA ILE E 61 -27.85 7.74 -33.50
C ILE E 61 -27.78 8.19 -32.06
N ILE E 62 -28.69 9.10 -31.66
CA ILE E 62 -28.74 9.56 -30.28
C ILE E 62 -29.08 8.41 -29.34
N LEU E 63 -30.06 7.58 -29.74
CA LEU E 63 -30.49 6.48 -28.88
C LEU E 63 -29.37 5.48 -28.65
N LEU E 64 -28.63 5.14 -29.70
CA LEU E 64 -27.54 4.18 -29.55
C LEU E 64 -26.36 4.78 -28.78
N GLY E 65 -26.10 6.08 -28.96
CA GLY E 65 -24.96 6.68 -28.31
C GLY E 65 -25.10 6.76 -26.80
N VAL E 66 -26.29 7.12 -26.31
CA VAL E 66 -26.48 7.29 -24.87
C VAL E 66 -26.41 5.95 -24.15
N ILE E 67 -26.95 4.89 -24.76
CA ILE E 67 -26.94 3.58 -24.12
C ILE E 67 -25.52 3.01 -24.09
N GLY E 68 -24.82 3.06 -25.21
CA GLY E 68 -23.50 2.46 -25.28
C GLY E 68 -22.47 3.18 -24.42
N ASN E 69 -22.48 4.52 -24.44
CA ASN E 69 -21.46 5.29 -23.75
C ASN E 69 -21.71 5.39 -22.25
N SER E 70 -22.88 4.98 -21.77
CA SER E 70 -23.16 5.02 -20.33
C SER E 70 -22.84 3.70 -19.64
N LEU E 71 -22.86 2.59 -20.38
CA LEU E 71 -22.52 1.30 -19.79
C LEU E 71 -21.06 1.27 -19.36
N VAL E 72 -20.17 1.87 -20.15
CA VAL E 72 -18.75 1.86 -19.81
C VAL E 72 -18.50 2.62 -18.52
N ILE E 73 -19.16 3.76 -18.34
CA ILE E 73 -19.00 4.53 -17.11
C ILE E 73 -19.60 3.80 -15.93
N HIS E 74 -20.74 3.12 -16.14
CA HIS E 74 -21.42 2.45 -15.04
C HIS E 74 -20.60 1.31 -14.45
N VAL E 75 -19.99 0.49 -15.29
CA VAL E 75 -19.25 -0.67 -14.79
C VAL E 75 -18.00 -0.23 -14.04
N VAL E 76 -17.35 0.84 -14.49
CA VAL E 76 -16.15 1.33 -13.80
C VAL E 76 -16.51 1.82 -12.40
N ILE E 77 -17.63 2.52 -12.28
CA ILE E 77 -18.06 3.02 -10.98
C ILE E 77 -18.53 1.86 -10.10
N LYS E 78 -19.31 0.94 -10.66
CA LYS E 78 -19.87 -0.16 -9.88
C LYS E 78 -18.78 -1.11 -9.39
N PHE E 79 -17.88 -1.50 -10.28
CA PHE E 79 -16.85 -2.48 -9.95
C PHE E 79 -15.58 -1.77 -9.51
N LYS E 80 -15.09 -2.14 -8.32
CA LYS E 80 -13.90 -1.51 -7.75
C LYS E 80 -12.61 -2.16 -8.21
N SER E 81 -12.68 -3.29 -8.91
CA SER E 81 -11.50 -3.92 -9.49
C SER E 81 -11.23 -3.46 -10.91
N MET E 82 -12.12 -2.65 -11.50
CA MET E 82 -11.94 -2.13 -12.84
C MET E 82 -11.28 -0.77 -12.86
N ARG E 83 -10.93 -0.21 -11.70
CA ARG E 83 -10.29 1.09 -11.63
C ARG E 83 -8.81 0.93 -11.91
N THR E 84 -8.47 0.91 -13.19
CA THR E 84 -7.11 0.77 -13.66
C THR E 84 -6.77 1.94 -14.57
N VAL E 85 -5.48 2.28 -14.65
CA VAL E 85 -5.05 3.41 -15.46
C VAL E 85 -5.48 3.23 -16.91
N THR E 86 -5.36 2.01 -17.44
CA THR E 86 -5.80 1.74 -18.80
C THR E 86 -7.30 1.97 -18.96
N ASN E 87 -8.08 1.54 -17.96
CA ASN E 87 -9.54 1.67 -18.05
C ASN E 87 -10.01 3.10 -17.82
N PHE E 88 -9.17 3.95 -17.22
CA PHE E 88 -9.55 5.35 -17.07
C PHE E 88 -9.53 6.08 -18.42
N PHE E 89 -8.58 5.72 -19.29
CA PHE E 89 -8.53 6.34 -20.61
C PHE E 89 -9.77 6.03 -21.43
N ILE E 90 -10.24 4.77 -21.37
CA ILE E 90 -11.44 4.40 -22.11
C ILE E 90 -12.68 5.06 -21.53
N ALA E 91 -12.74 5.18 -20.20
CA ALA E 91 -13.86 5.86 -19.56
C ALA E 91 -13.89 7.34 -19.93
N ASN E 92 -12.72 7.97 -20.05
CA ASN E 92 -12.65 9.35 -20.50
C ASN E 92 -13.19 9.49 -21.92
N LEU E 93 -12.85 8.54 -22.80
CA LEU E 93 -13.31 8.59 -24.18
C LEU E 93 -14.82 8.42 -24.26
N ALA E 94 -15.40 7.67 -23.32
CA ALA E 94 -16.86 7.51 -23.28
C ALA E 94 -17.55 8.81 -22.88
N VAL E 95 -16.99 9.54 -21.91
CA VAL E 95 -17.58 10.80 -21.50
C VAL E 95 -17.49 11.84 -22.60
N ALA E 96 -16.34 11.91 -23.27
CA ALA E 96 -16.16 12.89 -24.35
C ALA E 96 -17.12 12.63 -25.50
N ASP E 97 -17.31 11.37 -25.87
CA ASP E 97 -18.25 11.03 -26.94
C ASP E 97 -19.69 11.16 -26.50
N LEU E 98 -19.96 11.14 -25.20
CA LEU E 98 -21.32 11.37 -24.70
C LEU E 98 -21.76 12.80 -24.96
N LEU E 99 -20.84 13.77 -24.79
CA LEU E 99 -21.17 15.16 -25.03
C LEU E 99 -21.44 15.43 -26.51
N VAL E 100 -20.79 14.69 -27.41
CA VAL E 100 -20.98 14.91 -28.83
C VAL E 100 -22.42 14.60 -29.22
N ASN E 101 -22.97 13.50 -28.72
CA ASN E 101 -24.38 13.19 -28.98
C ASN E 101 -25.30 14.22 -28.33
N THR E 102 -24.98 14.64 -27.12
CA THR E 102 -25.87 15.55 -26.40
C THR E 102 -25.86 16.95 -26.99
N LEU E 103 -24.73 17.38 -27.56
CA LEU E 103 -24.56 18.76 -28.00
C LEU E 103 -24.48 18.91 -29.51
N CYS E 104 -23.59 18.17 -30.18
CA CYS E 104 -23.35 18.42 -31.59
C CYS E 104 -24.57 18.12 -32.45
N LEU E 105 -25.26 17.01 -32.18
CA LEU E 105 -26.31 16.58 -33.09
C LEU E 105 -27.61 17.37 -32.95
N PRO E 106 -28.22 17.48 -31.76
CA PRO E 106 -29.53 18.14 -31.70
C PRO E 106 -29.48 19.62 -32.01
N PHE E 107 -28.40 20.32 -31.64
CA PHE E 107 -28.31 21.74 -31.93
C PHE E 107 -28.06 22.00 -33.40
N THR E 108 -27.26 21.15 -34.05
CA THR E 108 -27.03 21.30 -35.49
C THR E 108 -28.30 21.05 -36.28
N LEU E 109 -29.06 20.01 -35.91
CA LEU E 109 -30.23 19.63 -36.69
C LEU E 109 -31.31 20.70 -36.65
N THR E 110 -31.55 21.30 -35.48
CA THR E 110 -32.62 22.29 -35.37
C THR E 110 -32.27 23.57 -36.12
N TYR E 111 -30.99 23.95 -36.14
CA TYR E 111 -30.60 25.16 -36.87
C TYR E 111 -30.67 24.94 -38.37
N THR E 112 -30.42 23.71 -38.82
CA THR E 112 -30.53 23.41 -40.25
C THR E 112 -31.99 23.33 -40.70
N LEU E 113 -32.84 22.66 -39.93
CA LEU E 113 -34.24 22.48 -40.34
C LEU E 113 -35.02 23.78 -40.24
N MET E 114 -34.89 24.48 -39.12
CA MET E 114 -35.66 25.71 -38.92
C MET E 114 -35.16 26.84 -39.81
N GLY E 115 -33.86 26.87 -40.10
CA GLY E 115 -33.28 27.89 -40.94
C GLY E 115 -32.80 29.13 -40.23
N GLU E 116 -33.01 29.23 -38.91
CA GLU E 116 -32.56 30.39 -38.16
C GLU E 116 -32.35 30.00 -36.71
N TRP E 117 -31.65 30.85 -35.97
CA TRP E 117 -31.28 30.62 -34.58
C TRP E 117 -32.32 31.25 -33.68
N LYS E 118 -33.00 30.42 -32.88
CA LYS E 118 -34.01 30.89 -31.95
C LYS E 118 -33.71 30.45 -30.52
N MET E 119 -32.43 30.33 -30.18
CA MET E 119 -32.01 29.92 -28.85
C MET E 119 -31.57 31.09 -27.96
N GLY E 120 -31.12 32.19 -28.57
CA GLY E 120 -30.70 33.34 -27.81
C GLY E 120 -29.25 33.70 -28.07
N PRO E 121 -28.90 34.97 -27.83
CA PRO E 121 -27.50 35.39 -28.03
C PRO E 121 -26.51 34.69 -27.13
N VAL E 122 -26.94 34.25 -25.94
CA VAL E 122 -26.02 33.60 -25.02
C VAL E 122 -25.57 32.24 -25.55
N LEU E 123 -26.48 31.51 -26.21
CA LEU E 123 -26.12 30.21 -26.76
C LEU E 123 -25.41 30.31 -28.10
N CYS E 124 -25.43 31.47 -28.75
CA CYS E 124 -24.71 31.64 -30.00
C CYS E 124 -23.20 31.58 -29.77
N HIS E 125 -22.73 32.11 -28.66
CA HIS E 125 -21.30 32.12 -28.34
C HIS E 125 -20.85 30.89 -27.56
N LEU E 126 -21.78 30.05 -27.10
CA LEU E 126 -21.46 28.94 -26.22
C LEU E 126 -21.57 27.59 -26.89
N VAL E 127 -22.63 27.36 -27.67
CA VAL E 127 -22.80 26.05 -28.32
C VAL E 127 -21.65 25.73 -29.28
N PRO E 128 -21.24 26.61 -30.19
CA PRO E 128 -20.09 26.28 -31.03
C PRO E 128 -18.81 26.01 -30.26
N TYR E 129 -18.58 26.72 -29.15
CA TYR E 129 -17.39 26.49 -28.35
C TYR E 129 -17.38 25.10 -27.75
N ALA E 130 -18.53 24.64 -27.25
CA ALA E 130 -18.60 23.33 -26.62
C ALA E 130 -18.42 22.20 -27.63
N GLN E 131 -18.95 22.36 -28.84
CA GLN E 131 -18.85 21.30 -29.84
C GLN E 131 -17.40 21.06 -30.24
N GLY E 132 -16.62 22.12 -30.44
CA GLY E 132 -15.22 21.96 -30.74
C GLY E 132 -14.43 21.38 -29.60
N LEU E 133 -14.82 21.70 -28.36
CA LEU E 133 -14.15 21.13 -27.19
C LEU E 133 -14.32 19.62 -27.12
N ALA E 134 -15.53 19.13 -27.40
CA ALA E 134 -15.80 17.70 -27.32
C ALA E 134 -15.07 16.93 -28.42
N VAL E 135 -15.01 17.50 -29.62
CA VAL E 135 -14.36 16.81 -30.74
C VAL E 135 -12.87 16.70 -30.51
N GLN E 136 -12.23 17.77 -30.03
CA GLN E 136 -10.78 17.75 -29.85
C GLN E 136 -10.37 16.80 -28.73
N VAL E 137 -11.09 16.82 -27.61
CA VAL E 137 -10.72 15.94 -26.49
C VAL E 137 -10.97 14.49 -26.85
N SER E 138 -11.97 14.21 -27.68
CA SER E 138 -12.21 12.83 -28.12
C SER E 138 -11.06 12.32 -28.98
N THR E 139 -10.49 13.18 -29.83
CA THR E 139 -9.37 12.78 -30.66
C THR E 139 -8.09 12.65 -29.86
N ILE E 140 -7.88 13.52 -28.88
CA ILE E 140 -6.65 13.51 -28.10
C ILE E 140 -6.53 12.22 -27.30
N THR E 141 -7.63 11.83 -26.62
CA THR E 141 -7.60 10.61 -25.84
C THR E 141 -7.58 9.36 -26.70
N LEU E 142 -7.80 9.48 -28.01
CA LEU E 142 -7.70 8.33 -28.90
C LEU E 142 -6.26 7.97 -29.20
N THR E 143 -5.36 8.95 -29.27
CA THR E 143 -3.95 8.67 -29.49
C THR E 143 -3.20 8.34 -28.21
N VAL E 144 -3.76 8.69 -27.05
CA VAL E 144 -3.16 8.30 -25.79
C VAL E 144 -3.30 6.80 -25.57
N ILE E 145 -4.44 6.22 -25.96
CA ILE E 145 -4.64 4.79 -25.85
C ILE E 145 -3.66 4.04 -26.74
N ALA E 146 -3.44 4.53 -27.96
CA ALA E 146 -2.51 3.88 -28.88
C ALA E 146 -1.08 3.91 -28.33
N LEU E 147 -0.68 5.03 -27.74
CA LEU E 147 0.67 5.12 -27.17
C LEU E 147 0.80 4.32 -25.89
N ASP E 148 -0.28 4.20 -25.12
CA ASP E 148 -0.26 3.37 -23.92
C ASP E 148 -0.07 1.90 -24.28
N ARG E 149 -0.78 1.43 -25.31
CA ARG E 149 -0.62 0.06 -25.76
C ARG E 149 0.76 -0.17 -26.37
N TYR E 150 1.29 0.83 -27.07
CA TYR E 150 2.62 0.72 -27.67
C TYR E 150 3.69 0.55 -26.61
N ARG E 151 3.58 1.30 -25.52
CA ARG E 151 4.61 1.28 -24.49
C ARG E 151 4.68 -0.06 -23.76
N CYS E 152 3.53 -0.65 -23.45
CA CYS E 152 3.47 -1.82 -22.59
C CYS E 152 3.56 -3.13 -23.35
N ILE E 153 3.66 -3.10 -24.67
CA ILE E 153 3.80 -4.31 -25.48
C ILE E 153 5.18 -4.38 -26.14
N VAL E 154 5.60 -3.29 -26.77
CA VAL E 154 6.94 -3.26 -27.36
C VAL E 154 8.00 -3.23 -26.26
N TYR E 155 7.81 -2.37 -25.26
CA TYR E 155 8.70 -2.31 -24.09
C TYR E 155 7.99 -2.99 -22.93
N HIS E 156 8.09 -4.31 -22.89
CA HIS E 156 7.41 -5.10 -21.88
C HIS E 156 8.25 -5.31 -20.62
N LEU E 157 9.43 -4.68 -20.55
CA LEU E 157 10.30 -4.79 -19.39
C LEU E 157 10.37 -3.50 -18.57
N GLU E 158 9.48 -2.55 -18.82
CA GLU E 158 9.44 -1.30 -18.08
C GLU E 158 8.31 -1.34 -17.05
N SER E 159 8.08 -0.20 -16.41
CA SER E 159 7.08 -0.08 -15.35
C SER E 159 5.88 0.72 -15.84
N LYS E 160 4.69 0.26 -15.49
CA LYS E 160 3.47 0.94 -15.90
C LYS E 160 3.36 2.30 -15.23
N ILE E 161 2.70 3.23 -15.93
CA ILE E 161 2.56 4.59 -15.42
C ILE E 161 1.65 4.60 -14.19
N SER E 162 1.87 5.56 -13.31
CA SER E 162 1.15 5.64 -12.06
C SER E 162 -0.17 6.38 -12.23
N LYS E 163 -0.97 6.37 -11.16
CA LYS E 163 -2.27 7.05 -11.20
C LYS E 163 -2.11 8.56 -11.30
N ARG E 164 -1.08 9.10 -10.65
CA ARG E 164 -0.89 10.55 -10.66
C ARG E 164 -0.59 11.06 -12.06
N ILE E 165 0.23 10.33 -12.81
CA ILE E 165 0.57 10.74 -14.17
C ILE E 165 -0.67 10.68 -15.06
N SER E 166 -1.50 9.65 -14.90
CA SER E 166 -2.71 9.53 -15.71
C SER E 166 -3.66 10.70 -15.46
N PHE E 167 -3.84 11.09 -14.20
CA PHE E 167 -4.72 12.22 -13.88
C PHE E 167 -4.21 13.51 -14.49
N LEU E 168 -2.89 13.70 -14.52
CA LEU E 168 -2.33 14.87 -15.17
C LEU E 168 -2.62 14.86 -16.68
N ILE E 169 -2.48 13.69 -17.31
CA ILE E 169 -2.70 13.59 -18.75
C ILE E 169 -4.17 13.85 -19.09
N ILE E 170 -5.08 13.24 -18.32
CA ILE E 170 -6.51 13.47 -18.55
C ILE E 170 -6.86 14.92 -18.29
N GLY E 171 -6.32 15.50 -17.23
CA GLY E 171 -6.60 16.91 -16.94
C GLY E 171 -6.03 17.85 -17.99
N LEU E 172 -4.84 17.52 -18.52
CA LEU E 172 -4.25 18.36 -19.55
C LEU E 172 -5.06 18.30 -20.84
N ALA E 173 -5.65 17.15 -21.15
CA ALA E 173 -6.41 17.01 -22.39
C ALA E 173 -7.59 17.97 -22.42
N TRP E 174 -8.32 18.07 -21.30
CA TRP E 174 -9.46 18.99 -21.25
C TRP E 174 -9.00 20.44 -21.23
N GLY E 175 -7.88 20.72 -20.56
CA GLY E 175 -7.39 22.09 -20.50
C GLY E 175 -6.93 22.61 -21.84
N ILE E 176 -6.16 21.81 -22.58
CA ILE E 176 -5.66 22.25 -23.88
C ILE E 176 -6.80 22.41 -24.87
N SER E 177 -7.74 21.46 -24.90
CA SER E 177 -8.87 21.55 -25.82
C SER E 177 -9.76 22.75 -25.47
N ALA E 178 -9.77 23.17 -24.22
CA ALA E 178 -10.50 24.39 -23.85
C ALA E 178 -9.85 25.62 -24.48
N LEU E 179 -8.52 25.65 -24.54
CA LEU E 179 -7.82 26.79 -25.14
C LEU E 179 -8.00 26.81 -26.65
N LEU E 180 -7.89 25.66 -27.30
CA LEU E 180 -7.96 25.60 -28.76
C LEU E 180 -9.35 25.90 -29.30
N ALA E 181 -10.38 25.71 -28.49
CA ALA E 181 -11.75 25.99 -28.90
C ALA E 181 -12.15 27.44 -28.64
N SER E 182 -11.27 28.24 -28.05
CA SER E 182 -11.60 29.64 -27.79
C SER E 182 -11.90 30.47 -29.04
N PRO E 183 -11.19 30.33 -30.16
CA PRO E 183 -11.51 31.21 -31.32
C PRO E 183 -12.92 31.05 -31.84
N LEU E 184 -13.58 29.92 -31.57
CA LEU E 184 -14.96 29.75 -32.04
C LEU E 184 -15.89 30.80 -31.41
N ALA E 185 -15.76 31.03 -30.11
CA ALA E 185 -16.60 32.00 -29.43
C ALA E 185 -16.18 33.43 -29.69
N ILE E 186 -14.89 33.67 -29.90
CA ILE E 186 -14.39 35.04 -30.04
C ILE E 186 -14.86 35.65 -31.36
N PHE E 187 -14.81 34.89 -32.45
CA PHE E 187 -15.14 35.39 -33.78
C PHE E 187 -16.55 35.00 -34.20
N ARG E 188 -17.48 34.93 -33.25
CA ARG E 188 -18.87 34.60 -33.50
C ARG E 188 -19.73 35.79 -33.11
N GLU E 189 -20.68 36.15 -33.96
CA GLU E 189 -21.53 37.31 -33.69
C GLU E 189 -22.99 36.95 -33.93
N TYR E 190 -23.87 37.80 -33.41
CA TYR E 190 -25.31 37.59 -33.43
C TYR E 190 -25.95 38.81 -34.07
N SER E 191 -26.75 38.61 -35.12
CA SER E 191 -27.26 39.73 -35.88
C SER E 191 -28.62 39.40 -36.48
N LEU E 192 -29.31 40.45 -36.89
CA LEU E 192 -30.57 40.36 -37.63
C LEU E 192 -30.31 40.70 -39.09
N ILE E 193 -30.70 39.81 -39.99
CA ILE E 193 -30.48 39.97 -41.42
C ILE E 193 -31.84 40.22 -42.08
N GLU E 194 -31.95 41.35 -42.77
CA GLU E 194 -33.18 41.73 -43.48
C GLU E 194 -32.82 41.95 -44.95
N ILE E 195 -33.30 41.06 -45.81
CA ILE E 195 -33.02 41.17 -47.24
C ILE E 195 -34.24 41.77 -47.94
N ILE E 196 -35.36 41.07 -47.88
CA ILE E 196 -36.64 41.59 -48.37
C ILE E 196 -37.13 42.56 -47.30
N PRO E 197 -37.96 43.56 -47.64
CA PRO E 197 -38.58 44.41 -46.61
C PRO E 197 -39.14 43.63 -45.42
N ASP E 198 -39.67 42.43 -45.65
CA ASP E 198 -40.07 41.52 -44.57
C ASP E 198 -39.46 40.14 -44.84
N PHE E 199 -38.19 39.98 -44.47
CA PHE E 199 -37.53 38.68 -44.49
C PHE E 199 -36.56 38.53 -43.33
N GLU E 200 -36.83 39.19 -42.21
CA GLU E 200 -35.89 39.23 -41.10
C GLU E 200 -35.60 37.83 -40.58
N ILE E 201 -34.31 37.50 -40.47
CA ILE E 201 -33.86 36.22 -39.93
C ILE E 201 -32.79 36.49 -38.88
N VAL E 202 -32.53 35.48 -38.07
CA VAL E 202 -31.50 35.54 -37.03
C VAL E 202 -30.39 34.57 -37.42
N ALA E 203 -29.16 35.05 -37.44
CA ALA E 203 -28.01 34.25 -37.86
C ALA E 203 -26.93 34.31 -36.80
N CYS E 204 -26.43 33.13 -36.40
CA CYS E 204 -25.25 33.03 -35.55
C CYS E 204 -24.08 32.63 -36.44
N THR E 205 -23.50 33.62 -37.12
CA THR E 205 -22.46 33.38 -38.11
C THR E 205 -21.11 33.83 -37.58
N GLU E 206 -20.06 33.38 -38.25
CA GLU E 206 -18.69 33.68 -37.88
C GLU E 206 -18.11 34.74 -38.81
N LYS E 207 -17.40 35.70 -38.22
CA LYS E 207 -16.75 36.76 -38.96
C LYS E 207 -15.30 36.89 -38.50
N TRP E 208 -14.43 37.27 -39.43
CA TRP E 208 -13.01 37.36 -39.19
C TRP E 208 -12.52 38.79 -39.37
N PRO E 209 -11.42 39.16 -38.71
CA PRO E 209 -10.95 40.57 -38.81
C PRO E 209 -10.62 41.01 -40.22
N GLY E 210 -10.24 40.09 -41.10
CA GLY E 210 -9.87 40.47 -42.44
C GLY E 210 -11.06 40.95 -43.27
N GLU E 211 -10.75 41.64 -44.36
CA GLU E 211 -11.74 42.20 -45.26
C GLU E 211 -11.63 41.54 -46.63
N GLU E 212 -12.76 41.49 -47.33
CA GLU E 212 -12.86 40.89 -48.67
C GLU E 212 -12.44 39.43 -48.54
N LYS E 213 -11.42 38.98 -49.27
CA LYS E 213 -10.94 37.59 -49.16
C LYS E 213 -9.93 37.53 -48.03
N SER E 214 -10.41 37.16 -46.85
CA SER E 214 -9.57 37.07 -45.67
C SER E 214 -8.92 35.70 -45.60
N ILE E 215 -7.58 35.68 -45.46
CA ILE E 215 -6.87 34.42 -45.36
C ILE E 215 -7.16 33.69 -44.05
N TYR E 216 -7.59 34.42 -43.02
CA TYR E 216 -7.84 33.82 -41.72
C TYR E 216 -8.99 32.82 -41.76
N GLY E 217 -9.89 32.94 -42.73
CA GLY E 217 -10.93 31.93 -42.89
C GLY E 217 -10.37 30.60 -43.34
N THR E 218 -9.38 30.62 -44.23
CA THR E 218 -8.75 29.40 -44.73
C THR E 218 -7.60 28.93 -43.85
N VAL E 219 -6.97 29.84 -43.10
CA VAL E 219 -5.90 29.45 -42.19
C VAL E 219 -6.42 28.50 -41.12
N TYR E 220 -7.60 28.81 -40.57
CA TYR E 220 -8.17 27.94 -39.55
C TYR E 220 -8.49 26.55 -40.09
N SER E 221 -8.97 26.48 -41.33
CA SER E 221 -9.33 25.18 -41.91
C SER E 221 -8.11 24.31 -42.12
N LEU E 222 -7.02 24.86 -42.64
CA LEU E 222 -5.80 24.07 -42.83
C LEU E 222 -5.23 23.62 -41.49
N SER E 223 -5.20 24.50 -40.50
CA SER E 223 -4.67 24.14 -39.19
C SER E 223 -5.53 23.08 -38.52
N SER E 224 -6.84 23.12 -38.75
CA SER E 224 -7.73 22.11 -38.17
C SER E 224 -7.45 20.74 -38.76
N LEU E 225 -7.24 20.65 -40.08
CA LEU E 225 -7.02 19.35 -40.71
C LEU E 225 -5.65 18.79 -40.37
N LEU E 226 -4.63 19.64 -40.29
CA LEU E 226 -3.27 19.18 -40.04
C LEU E 226 -2.99 18.94 -38.57
N ILE E 227 -3.93 19.24 -37.67
CA ILE E 227 -3.76 18.99 -36.25
C ILE E 227 -4.74 17.94 -35.74
N LEU E 228 -6.00 18.01 -36.16
CA LEU E 228 -7.00 17.07 -35.70
C LEU E 228 -7.09 15.80 -36.53
N TYR E 229 -6.54 15.80 -37.74
CA TYR E 229 -6.63 14.62 -38.60
C TYR E 229 -5.28 14.05 -38.97
N VAL E 230 -4.38 14.86 -39.52
CA VAL E 230 -3.13 14.32 -40.06
C VAL E 230 -2.21 13.85 -38.93
N LEU E 231 -2.06 14.67 -37.89
CA LEU E 231 -1.17 14.29 -36.79
C LEU E 231 -1.66 13.06 -36.03
N PRO E 232 -2.92 12.96 -35.61
CA PRO E 232 -3.35 11.72 -34.94
C PRO E 232 -3.28 10.49 -35.81
N LEU E 233 -3.54 10.62 -37.12
CA LEU E 233 -3.53 9.46 -37.99
C LEU E 233 -2.14 8.88 -38.13
N GLY E 234 -1.12 9.72 -38.19
CA GLY E 234 0.24 9.22 -38.27
C GLY E 234 0.70 8.52 -37.01
N ILE E 235 0.29 9.03 -35.85
CA ILE E 235 0.74 8.45 -34.59
C ILE E 235 0.15 7.06 -34.38
N ILE E 236 -1.16 6.92 -34.56
CA ILE E 236 -1.80 5.64 -34.29
C ILE E 236 -1.44 4.60 -35.35
N SER E 237 -1.19 5.03 -36.59
CA SER E 237 -0.75 4.10 -37.61
C SER E 237 0.66 3.60 -37.35
N PHE E 238 1.54 4.50 -36.92
CA PHE E 238 2.90 4.09 -36.55
C PHE E 238 2.88 3.18 -35.34
N SER E 239 2.05 3.48 -34.35
CA SER E 239 2.02 2.69 -33.12
C SER E 239 1.50 1.28 -33.37
N TYR E 240 0.46 1.14 -34.20
CA TYR E 240 -0.14 -0.17 -34.43
C TYR E 240 0.63 -1.01 -35.43
N THR E 241 1.49 -0.39 -36.26
CA THR E 241 2.35 -1.16 -37.15
C THR E 241 3.45 -1.85 -36.37
N ARG E 242 4.03 -1.16 -35.38
CA ARG E 242 5.07 -1.76 -34.55
C ARG E 242 4.52 -2.89 -33.69
N ILE E 243 3.28 -2.74 -33.23
CA ILE E 243 2.64 -3.79 -32.43
C ILE E 243 2.43 -5.05 -33.26
N TRP E 244 1.97 -4.88 -34.50
CA TRP E 244 1.74 -6.02 -35.37
C TRP E 244 3.04 -6.76 -35.68
N SER E 245 4.13 -6.02 -35.90
CA SER E 245 5.40 -6.65 -36.24
C SER E 245 5.96 -7.45 -35.07
N LYS E 246 5.89 -6.89 -33.85
CA LYS E 246 6.47 -7.58 -32.70
C LYS E 246 5.72 -8.86 -32.37
N LEU E 247 4.39 -8.83 -32.42
CA LEU E 247 3.62 -10.03 -32.13
C LEU E 247 3.90 -11.12 -33.15
N LYS E 248 4.05 -10.75 -34.43
CA LYS E 248 4.30 -11.73 -35.47
C LYS E 248 5.65 -12.42 -35.28
N ASN E 249 6.68 -11.65 -34.93
CA ASN E 249 8.03 -12.20 -34.73
C ASN E 249 8.22 -12.57 -33.25
N HIS E 250 7.49 -13.61 -32.85
CA HIS E 250 7.56 -14.11 -31.48
C HIS E 250 7.30 -15.60 -31.51
N VAL E 251 8.18 -16.37 -30.87
CA VAL E 251 8.11 -17.83 -30.85
C VAL E 251 7.89 -18.28 -29.41
N SER E 252 6.94 -19.18 -29.21
CA SER E 252 6.75 -19.66 -27.86
C SER E 252 7.47 -20.99 -27.67
N PRO E 253 8.01 -21.25 -26.47
CA PRO E 253 8.68 -22.53 -26.24
C PRO E 253 7.67 -23.67 -26.17
N GLY E 254 8.17 -24.87 -26.41
CA GLY E 254 7.32 -26.05 -26.37
C GLY E 254 6.52 -26.24 -27.64
N ALA E 255 5.50 -27.08 -27.52
CA ALA E 255 4.65 -27.45 -28.66
C ALA E 255 3.39 -26.60 -28.76
N ALA E 256 3.24 -25.58 -27.90
CA ALA E 256 2.09 -24.70 -27.94
C ALA E 256 2.39 -23.39 -28.66
N ASN E 257 3.31 -23.42 -29.62
CA ASN E 257 3.57 -22.24 -30.44
C ASN E 257 2.42 -21.94 -31.39
N ASP E 258 1.79 -22.99 -31.93
CA ASP E 258 0.72 -22.78 -32.89
C ASP E 258 -0.51 -22.16 -32.25
N HIS E 259 -0.85 -22.58 -31.03
CA HIS E 259 -2.04 -22.05 -30.37
C HIS E 259 -1.93 -20.55 -30.13
N TYR E 260 -0.71 -20.05 -29.96
CA TYR E 260 -0.52 -18.61 -29.79
C TYR E 260 -0.89 -17.85 -31.06
N HIS E 261 -0.61 -18.44 -32.22
CA HIS E 261 -0.87 -17.75 -33.48
C HIS E 261 -2.35 -17.71 -33.82
N GLN E 262 -3.15 -18.67 -33.35
CA GLN E 262 -4.58 -18.60 -33.55
C GLN E 262 -5.18 -17.38 -32.85
N ARG E 263 -4.74 -17.09 -31.62
CA ARG E 263 -5.24 -15.93 -30.91
C ARG E 263 -4.66 -14.64 -31.47
N ARG E 264 -3.49 -14.72 -32.12
CA ARG E 264 -2.86 -13.52 -32.67
C ARG E 264 -3.64 -12.95 -33.83
N GLN E 265 -4.29 -13.81 -34.63
CA GLN E 265 -4.97 -13.35 -35.84
C GLN E 265 -6.13 -12.41 -35.51
N LYS E 266 -6.89 -12.73 -34.45
CA LYS E 266 -8.02 -11.88 -34.09
C LYS E 266 -7.58 -10.50 -33.66
N THR E 267 -6.39 -10.39 -33.06
CA THR E 267 -5.86 -9.07 -32.68
C THR E 267 -5.58 -8.23 -33.92
N THR E 268 -5.05 -8.84 -34.97
CA THR E 268 -4.78 -8.10 -36.21
C THR E 268 -6.09 -7.57 -36.81
N LYS E 269 -7.14 -8.38 -36.79
CA LYS E 269 -8.44 -7.92 -37.27
C LYS E 269 -8.97 -6.75 -36.44
N MET E 270 -8.64 -6.72 -35.15
CA MET E 270 -9.11 -5.64 -34.29
C MET E 270 -8.31 -4.35 -34.49
N LEU E 271 -7.02 -4.46 -34.77
CA LEU E 271 -6.19 -3.26 -34.92
C LEU E 271 -6.54 -2.47 -36.17
N VAL E 272 -6.96 -3.16 -37.24
CA VAL E 272 -7.28 -2.47 -38.49
C VAL E 272 -8.56 -1.66 -38.35
N CYS E 273 -9.55 -2.19 -37.64
CA CYS E 273 -10.84 -1.50 -37.53
C CYS E 273 -10.71 -0.16 -36.83
N VAL E 274 -9.79 -0.03 -35.88
CA VAL E 274 -9.60 1.24 -35.19
C VAL E 274 -9.10 2.30 -36.14
N VAL E 275 -8.11 1.97 -36.96
CA VAL E 275 -7.53 2.95 -37.87
C VAL E 275 -8.49 3.30 -39.00
N VAL E 276 -9.16 2.29 -39.57
CA VAL E 276 -10.01 2.52 -40.72
C VAL E 276 -11.23 3.36 -40.35
N VAL E 277 -11.85 3.07 -39.22
CA VAL E 277 -13.07 3.79 -38.83
C VAL E 277 -12.76 5.26 -38.61
N PHE E 278 -11.67 5.57 -37.92
CA PHE E 278 -11.32 6.96 -37.64
C PHE E 278 -11.02 7.73 -38.92
N ALA E 279 -10.27 7.11 -39.84
CA ALA E 279 -9.87 7.81 -41.06
C ALA E 279 -11.05 8.07 -41.98
N VAL E 280 -11.91 7.06 -42.19
CA VAL E 280 -13.02 7.21 -43.12
C VAL E 280 -14.07 8.17 -42.57
N CYS E 281 -14.39 8.05 -41.28
CA CYS E 281 -15.50 8.83 -40.72
C CYS E 281 -15.22 10.33 -40.75
N TRP E 282 -14.00 10.73 -40.40
CA TRP E 282 -13.69 12.14 -40.21
C TRP E 282 -13.10 12.82 -41.44
N LEU E 283 -12.91 12.10 -42.54
CA LEU E 283 -12.28 12.71 -43.71
C LEU E 283 -13.25 13.60 -44.49
N PRO E 284 -14.43 13.12 -44.90
CA PRO E 284 -15.30 13.98 -45.72
C PRO E 284 -15.72 15.27 -45.03
N LEU E 285 -15.90 15.25 -43.70
CA LEU E 285 -16.29 16.47 -42.99
C LEU E 285 -15.19 17.52 -43.05
N HIS E 286 -13.94 17.12 -42.84
CA HIS E 286 -12.84 18.07 -42.87
C HIS E 286 -12.56 18.57 -44.29
N ALA E 287 -12.73 17.69 -45.28
CA ALA E 287 -12.46 18.10 -46.66
C ALA E 287 -13.51 19.07 -47.16
N PHE E 288 -14.77 18.90 -46.75
CA PHE E 288 -15.84 19.77 -47.21
C PHE E 288 -15.61 21.22 -46.75
N GLN E 289 -15.21 21.40 -45.49
CA GLN E 289 -14.98 22.74 -44.97
C GLN E 289 -13.83 23.43 -45.68
N LEU E 290 -12.76 22.68 -45.98
CA LEU E 290 -11.63 23.27 -46.69
C LEU E 290 -12.00 23.65 -48.11
N ALA E 291 -12.86 22.86 -48.76
CA ALA E 291 -13.29 23.19 -50.11
C ALA E 291 -14.07 24.49 -50.14
N VAL E 292 -14.91 24.73 -49.13
CA VAL E 292 -15.73 25.93 -49.09
C VAL E 292 -14.84 27.16 -48.97
N ASP E 293 -13.83 27.11 -48.09
CA ASP E 293 -12.97 28.26 -47.88
C ASP E 293 -12.08 28.55 -49.08
N ILE E 294 -11.88 27.59 -49.97
CA ILE E 294 -11.05 27.80 -51.15
C ILE E 294 -11.90 28.22 -52.36
N ASP E 295 -12.98 27.50 -52.62
CA ASP E 295 -13.85 27.76 -53.76
C ASP E 295 -15.24 28.18 -53.28
N SER E 296 -15.78 29.22 -53.91
CA SER E 296 -17.12 29.69 -53.61
C SER E 296 -18.20 28.97 -54.39
N GLN E 297 -17.83 28.08 -55.32
CA GLN E 297 -18.81 27.32 -56.08
C GLN E 297 -19.61 26.37 -55.21
N VAL E 298 -19.07 25.95 -54.07
CA VAL E 298 -19.79 25.03 -53.19
C VAL E 298 -20.97 25.72 -52.52
N LEU E 299 -20.78 26.99 -52.11
CA LEU E 299 -21.80 27.68 -51.33
C LEU E 299 -23.09 27.88 -52.13
N ASP E 300 -22.97 28.27 -53.40
CA ASP E 300 -24.14 28.57 -54.21
C ASP E 300 -24.61 27.29 -54.94
N LEU E 301 -25.14 26.38 -54.14
CA LEU E 301 -25.77 25.17 -54.64
C LEU E 301 -27.17 25.05 -54.01
N LYS E 302 -28.07 24.39 -54.76
CA LYS E 302 -29.41 24.17 -54.23
C LYS E 302 -29.44 23.10 -53.15
N GLU E 303 -28.41 22.26 -53.07
CA GLU E 303 -28.39 21.14 -52.13
C GLU E 303 -27.20 21.23 -51.17
N TYR E 304 -26.78 22.45 -50.83
CA TYR E 304 -25.63 22.60 -49.93
C TYR E 304 -25.94 22.06 -48.54
N LYS E 305 -27.13 22.33 -48.03
CA LYS E 305 -27.48 21.87 -46.68
C LYS E 305 -27.73 20.38 -46.65
N LEU E 306 -28.16 19.78 -47.76
CA LEU E 306 -28.34 18.34 -47.80
C LEU E 306 -27.00 17.61 -47.81
N ILE E 307 -26.01 18.15 -48.53
CA ILE E 307 -24.69 17.54 -48.57
C ILE E 307 -24.04 17.60 -47.19
N PHE E 308 -24.18 18.73 -46.50
CA PHE E 308 -23.55 18.89 -45.19
C PHE E 308 -24.10 17.89 -44.18
N THR E 309 -25.42 17.66 -44.20
CA THR E 309 -26.01 16.73 -43.25
C THR E 309 -25.53 15.31 -43.47
N VAL E 310 -25.34 14.92 -44.73
CA VAL E 310 -24.86 13.56 -45.03
C VAL E 310 -23.46 13.36 -44.47
N PHE E 311 -22.57 14.34 -44.68
CA PHE E 311 -21.22 14.23 -44.16
C PHE E 311 -21.20 14.36 -42.63
N HIS E 312 -22.11 15.15 -42.07
CA HIS E 312 -22.19 15.28 -40.61
C HIS E 312 -22.65 13.97 -39.98
N ILE E 313 -23.58 13.26 -40.62
CA ILE E 313 -24.08 12.01 -40.06
C ILE E 313 -22.96 10.96 -40.04
N ILE E 314 -22.18 10.89 -41.12
CA ILE E 314 -21.10 9.91 -41.18
C ILE E 314 -20.09 10.15 -40.06
N ALA E 315 -19.71 11.41 -39.86
CA ALA E 315 -18.72 11.73 -38.83
C ALA E 315 -19.23 11.44 -37.43
N MET E 316 -20.55 11.51 -37.22
CA MET E 316 -21.12 11.25 -35.91
C MET E 316 -21.36 9.78 -35.64
N CYS E 317 -21.07 8.90 -36.59
CA CYS E 317 -21.20 7.47 -36.37
C CYS E 317 -20.14 6.95 -35.40
N SER E 318 -19.08 7.71 -35.17
CA SER E 318 -18.04 7.30 -34.23
C SER E 318 -18.46 7.45 -32.77
N THR E 319 -19.58 8.13 -32.51
CA THR E 319 -20.06 8.26 -31.14
C THR E 319 -20.50 6.92 -30.57
N PHE E 320 -21.15 6.09 -31.38
CA PHE E 320 -21.57 4.76 -30.95
C PHE E 320 -20.61 3.66 -31.39
N ALA E 321 -19.74 3.93 -32.36
CA ALA E 321 -18.76 2.93 -32.78
C ALA E 321 -17.62 2.78 -31.78
N ASN E 322 -17.26 3.86 -31.08
CA ASN E 322 -16.17 3.77 -30.11
C ASN E 322 -16.44 2.81 -28.97
N PRO E 323 -17.60 2.84 -28.30
CA PRO E 323 -17.85 1.81 -27.26
C PRO E 323 -17.93 0.40 -27.82
N LEU E 324 -18.22 0.24 -29.11
CA LEU E 324 -18.31 -1.10 -29.69
C LEU E 324 -16.92 -1.71 -29.93
N LEU E 325 -15.93 -0.88 -30.25
CA LEU E 325 -14.59 -1.38 -30.52
C LEU E 325 -13.69 -1.38 -29.30
N TYR E 326 -13.86 -0.40 -28.40
CA TYR E 326 -13.00 -0.27 -27.24
C TYR E 326 -13.60 -0.86 -25.97
N GLY E 327 -14.91 -0.70 -25.78
CA GLY E 327 -15.53 -1.12 -24.54
C GLY E 327 -16.26 -2.45 -24.59
N TRP E 328 -16.34 -3.06 -25.76
CA TRP E 328 -16.97 -4.37 -25.90
C TRP E 328 -16.03 -5.45 -26.40
N MET E 329 -15.04 -5.09 -27.22
CA MET E 329 -14.16 -6.08 -27.81
C MET E 329 -13.12 -6.60 -26.83
N ASN E 330 -12.66 -5.78 -25.90
CA ASN E 330 -11.66 -6.25 -24.95
C ASN E 330 -12.28 -7.15 -23.89
N SER E 331 -11.46 -8.05 -23.35
CA SER E 331 -11.95 -9.07 -22.44
C SER E 331 -12.34 -8.49 -21.09
N ASN E 332 -11.67 -7.42 -20.64
CA ASN E 332 -11.93 -6.88 -19.31
C ASN E 332 -13.35 -6.33 -19.22
N TYR E 333 -13.76 -5.52 -20.19
CA TYR E 333 -15.09 -4.94 -20.17
C TYR E 333 -16.16 -5.93 -20.60
N ARG E 334 -15.81 -6.89 -21.47
CA ARG E 334 -16.79 -7.85 -21.96
C ARG E 334 -17.33 -8.72 -20.83
N LYS E 335 -16.45 -9.18 -19.93
CA LYS E 335 -16.91 -10.01 -18.83
C LYS E 335 -17.59 -9.21 -17.73
N ALA E 336 -17.28 -7.92 -17.61
CA ALA E 336 -17.94 -7.09 -16.61
C ALA E 336 -19.39 -6.81 -16.98
N PHE E 337 -19.67 -6.67 -18.29
CA PHE E 337 -21.04 -6.45 -18.72
C PHE E 337 -21.92 -7.64 -18.40
N LEU E 338 -21.43 -8.85 -18.67
CA LEU E 338 -22.20 -10.05 -18.38
C LEU E 338 -22.36 -10.25 -16.88
N SER E 339 -21.31 -9.97 -16.11
CA SER E 339 -21.40 -10.14 -14.65
C SER E 339 -22.36 -9.13 -14.04
N ALA E 340 -22.32 -7.88 -14.51
CA ALA E 340 -23.18 -6.85 -13.93
C ALA E 340 -24.63 -7.03 -14.32
N PHE E 341 -24.91 -7.62 -15.49
CA PHE E 341 -26.28 -7.83 -15.92
C PHE E 341 -26.99 -8.90 -15.11
N ARG E 342 -26.25 -9.71 -14.35
CA ARG E 342 -26.86 -10.73 -13.50
C ARG E 342 -27.02 -10.20 -12.08
N ASP F 1 32.53 6.00 18.59
CA ASP F 1 32.03 7.02 19.52
C ASP F 1 31.59 8.27 18.77
N VAL F 2 30.55 8.92 19.26
CA VAL F 2 30.06 10.15 18.65
C VAL F 2 31.08 11.26 18.88
N GLN F 3 31.46 11.95 17.82
CA GLN F 3 32.45 13.01 17.91
C GLN F 3 32.19 14.07 16.85
N LEU F 4 32.33 15.32 17.25
CA LEU F 4 32.28 16.47 16.33
C LEU F 4 33.54 17.29 16.56
N VAL F 5 34.27 17.56 15.48
CA VAL F 5 35.54 18.28 15.54
C VAL F 5 35.44 19.50 14.63
N GLU F 6 35.82 20.67 15.16
CA GLU F 6 35.72 21.93 14.44
C GLU F 6 37.09 22.41 14.01
N SER F 7 37.14 23.13 12.89
CA SER F 7 38.38 23.69 12.38
C SER F 7 38.08 24.96 11.60
N GLY F 8 39.10 25.80 11.47
CA GLY F 8 38.98 27.05 10.75
C GLY F 8 38.95 28.29 11.61
N GLY F 9 39.17 28.17 12.91
CA GLY F 9 39.11 29.30 13.81
C GLY F 9 40.41 30.05 14.00
N GLY F 10 40.80 30.85 13.02
CA GLY F 10 42.00 31.67 13.12
C GLY F 10 41.70 33.08 13.59
N LEU F 11 42.55 34.01 13.17
CA LEU F 11 42.35 35.44 13.39
C LEU F 11 42.10 36.11 12.05
N VAL F 12 41.08 36.96 12.00
CA VAL F 12 40.58 37.54 10.75
C VAL F 12 40.58 39.04 10.87
N GLN F 13 41.11 39.72 9.85
CA GLN F 13 41.01 41.16 9.78
C GLN F 13 39.55 41.58 9.55
N PRO F 14 39.16 42.76 10.03
CA PRO F 14 37.76 43.19 9.86
C PRO F 14 37.39 43.30 8.38
N GLY F 15 36.15 42.92 8.09
CA GLY F 15 35.67 42.89 6.72
C GLY F 15 36.10 41.70 5.91
N GLY F 16 36.79 40.73 6.51
CA GLY F 16 37.27 39.58 5.80
C GLY F 16 36.27 38.45 5.72
N SER F 17 36.71 37.32 5.16
CA SER F 17 35.91 36.12 5.04
C SER F 17 36.65 34.95 5.63
N ARG F 18 35.90 33.98 6.14
CA ARG F 18 36.49 32.81 6.80
C ARG F 18 35.60 31.62 6.53
N LYS F 19 36.17 30.43 6.74
CA LYS F 19 35.49 29.16 6.51
C LYS F 19 35.62 28.28 7.74
N LEU F 20 34.50 27.76 8.22
CA LEU F 20 34.45 26.89 9.38
C LEU F 20 33.90 25.54 8.99
N SER F 21 34.48 24.48 9.53
CA SER F 21 34.08 23.11 9.20
C SER F 21 33.80 22.32 10.45
N CYS F 22 32.94 21.32 10.31
CA CYS F 22 32.52 20.46 11.42
C CYS F 22 32.47 19.03 10.90
N SER F 23 33.44 18.21 11.33
CA SER F 23 33.57 16.83 10.86
C SER F 23 32.98 15.88 11.89
N ALA F 24 32.04 15.04 11.44
CA ALA F 24 31.30 14.14 12.32
C ALA F 24 31.65 12.69 12.01
N SER F 25 31.83 11.90 13.07
CA SER F 25 32.14 10.48 12.92
C SER F 25 31.52 9.72 14.09
N GLY F 26 31.02 8.52 13.81
CA GLY F 26 30.45 7.68 14.83
C GLY F 26 28.93 7.61 14.88
N PHE F 27 28.25 8.25 13.93
CA PHE F 27 26.78 8.21 13.90
C PHE F 27 26.32 8.50 12.48
N ALA F 28 25.04 8.22 12.24
CA ALA F 28 24.44 8.43 10.91
C ALA F 28 24.24 9.92 10.68
N PHE F 29 25.18 10.55 9.99
CA PHE F 29 25.16 12.01 9.82
C PHE F 29 23.97 12.47 8.98
N SER F 30 23.46 11.61 8.11
CA SER F 30 22.42 12.02 7.18
C SER F 30 21.05 12.19 7.82
N SER F 31 20.83 11.62 9.00
CA SER F 31 19.53 11.63 9.64
C SER F 31 19.38 12.70 10.72
N PHE F 32 20.39 13.54 10.89
CA PHE F 32 20.41 14.52 11.97
C PHE F 32 20.42 15.93 11.39
N GLY F 33 19.67 16.83 12.03
CA GLY F 33 19.77 18.24 11.74
C GLY F 33 20.86 18.89 12.58
N MET F 34 21.43 19.97 12.04
CA MET F 34 22.61 20.59 12.63
C MET F 34 22.35 22.06 12.94
N HIS F 35 22.86 22.50 14.10
CA HIS F 35 22.76 23.88 14.54
C HIS F 35 24.15 24.45 14.75
N TRP F 36 24.28 25.75 14.54
CA TRP F 36 25.47 26.50 14.91
C TRP F 36 25.11 27.43 16.06
N VAL F 37 25.87 27.36 17.15
CA VAL F 37 25.65 28.18 18.34
C VAL F 37 26.99 28.77 18.75
N ARG F 38 27.02 30.07 19.00
CA ARG F 38 28.24 30.76 19.39
C ARG F 38 28.09 31.38 20.78
N GLN F 39 29.24 31.60 21.42
CA GLN F 39 29.28 32.17 22.75
C GLN F 39 30.36 33.24 22.80
N ALA F 40 29.97 34.45 23.21
CA ALA F 40 30.90 35.55 23.34
C ALA F 40 31.87 35.27 24.49
N PRO F 41 33.03 35.93 24.50
CA PRO F 41 34.03 35.64 25.54
C PRO F 41 33.52 35.80 26.96
N GLU F 42 32.60 36.74 27.21
CA GLU F 42 32.04 36.93 28.54
C GLU F 42 30.54 36.71 28.62
N LYS F 43 29.84 36.69 27.49
CA LYS F 43 28.39 36.61 27.47
C LYS F 43 27.94 35.15 27.39
N GLY F 44 26.66 34.94 27.10
CA GLY F 44 26.08 33.62 27.05
C GLY F 44 25.89 33.12 25.63
N LEU F 45 25.17 32.01 25.52
CA LEU F 45 24.98 31.33 24.24
C LEU F 45 23.97 32.06 23.37
N GLU F 46 24.18 31.98 22.05
CA GLU F 46 23.26 32.55 21.09
C GLU F 46 23.25 31.72 19.83
N TRP F 47 22.05 31.49 19.29
CA TRP F 47 21.85 30.63 18.14
C TRP F 47 22.15 31.38 16.84
N VAL F 48 22.72 30.67 15.87
CA VAL F 48 23.19 31.30 14.64
C VAL F 48 22.42 30.80 13.42
N ALA F 49 22.51 29.49 13.14
CA ALA F 49 21.92 28.95 11.92
C ALA F 49 21.56 27.49 12.12
N TYR F 50 20.73 26.98 11.21
CA TYR F 50 20.23 25.62 11.28
C TYR F 50 20.02 25.08 9.87
N ILE F 51 20.41 23.82 9.65
CA ILE F 51 20.15 23.12 8.40
C ILE F 51 19.64 21.73 8.71
N SER F 52 18.58 21.32 8.02
CA SER F 52 17.87 20.10 8.37
C SER F 52 18.40 18.91 7.58
N SER F 53 17.77 17.75 7.77
CA SER F 53 18.12 16.55 7.04
C SER F 53 17.60 16.65 5.62
N GLY F 54 18.47 16.37 4.65
CA GLY F 54 18.15 16.56 3.26
C GLY F 54 18.32 17.98 2.75
N SER F 55 18.79 18.90 3.60
CA SER F 55 19.08 20.28 3.24
C SER F 55 17.84 21.02 2.73
N GLY F 56 16.65 20.56 3.10
CA GLY F 56 15.44 21.18 2.60
C GLY F 56 15.07 22.47 3.31
N THR F 57 15.44 22.61 4.58
CA THR F 57 15.09 23.77 5.39
C THR F 57 16.36 24.42 5.92
N ILE F 58 16.43 25.74 5.83
CA ILE F 58 17.58 26.50 6.31
C ILE F 58 17.06 27.73 7.06
N TYR F 59 17.59 27.98 8.25
CA TYR F 59 17.18 29.11 9.06
C TYR F 59 18.41 29.89 9.51
N TYR F 60 18.24 31.20 9.66
CA TYR F 60 19.33 32.09 10.06
C TYR F 60 18.86 33.02 11.16
N ALA F 61 19.81 33.48 11.96
CA ALA F 61 19.52 34.54 12.92
C ALA F 61 19.36 35.87 12.19
N ASP F 62 18.49 36.72 12.72
CA ASP F 62 18.18 37.99 12.06
C ASP F 62 19.40 38.89 11.95
N THR F 63 20.43 38.68 12.75
CA THR F 63 21.63 39.49 12.71
C THR F 63 22.72 38.93 11.80
N VAL F 64 22.50 37.77 11.18
CA VAL F 64 23.46 37.17 10.28
C VAL F 64 22.87 36.87 8.90
N LYS F 65 21.63 37.26 8.64
CA LYS F 65 21.04 37.05 7.33
C LYS F 65 21.77 37.86 6.27
N GLY F 66 22.02 37.23 5.12
CA GLY F 66 22.74 37.90 4.06
C GLY F 66 24.22 38.01 4.28
N ARG F 67 24.76 37.36 5.30
CA ARG F 67 26.18 37.43 5.62
C ARG F 67 26.79 36.05 5.74
N PHE F 68 26.03 35.11 6.30
CA PHE F 68 26.51 33.76 6.55
C PHE F 68 25.79 32.78 5.61
N THR F 69 26.38 31.61 5.45
CA THR F 69 25.79 30.56 4.62
C THR F 69 26.11 29.21 5.24
N ILE F 70 25.08 28.39 5.46
CA ILE F 70 25.23 27.07 6.07
C ILE F 70 24.87 26.02 5.04
N SER F 71 25.64 24.94 5.01
CA SER F 71 25.38 23.83 4.09
C SER F 71 26.13 22.60 4.60
N ARG F 72 25.72 21.44 4.10
CA ARG F 72 26.27 20.17 4.53
C ARG F 72 26.61 19.31 3.33
N ASP F 73 27.56 18.39 3.54
CA ASP F 73 27.99 17.44 2.51
C ASP F 73 27.88 16.04 3.10
N ASP F 74 26.78 15.36 2.79
CA ASP F 74 26.50 14.06 3.42
C ASP F 74 27.54 12.99 3.09
N PRO F 75 27.98 12.79 1.85
CA PRO F 75 28.96 11.70 1.60
C PRO F 75 30.25 11.85 2.37
N LYS F 76 30.70 13.06 2.65
CA LYS F 76 31.93 13.28 3.40
C LYS F 76 31.67 13.50 4.89
N ASN F 77 30.41 13.52 5.32
CA ASN F 77 30.05 13.71 6.72
C ASN F 77 30.65 15.00 7.29
N THR F 78 30.42 16.10 6.58
CA THR F 78 31.00 17.39 6.94
C THR F 78 29.93 18.47 6.94
N LEU F 79 29.96 19.31 7.97
CA LEU F 79 29.15 20.51 8.07
C LEU F 79 30.07 21.71 8.01
N PHE F 80 29.79 22.65 7.11
CA PHE F 80 30.62 23.83 6.97
C PHE F 80 29.79 25.09 6.82
N LEU F 81 30.33 26.19 7.34
CA LEU F 81 29.68 27.48 7.39
C LEU F 81 30.58 28.53 6.76
N GLN F 82 30.05 29.27 5.80
CA GLN F 82 30.79 30.32 5.11
C GLN F 82 30.37 31.68 5.64
N MET F 83 31.36 32.47 6.07
CA MET F 83 31.11 33.76 6.69
C MET F 83 31.70 34.87 5.82
N THR F 84 30.92 35.92 5.60
CA THR F 84 31.31 37.02 4.74
C THR F 84 31.04 38.34 5.46
N SER F 85 31.91 39.32 5.24
CA SER F 85 31.79 40.65 5.82
C SER F 85 31.78 40.57 7.35
N LEU F 86 32.86 39.99 7.89
CA LEU F 86 33.00 39.85 9.32
C LEU F 86 33.21 41.20 9.99
N ARG F 87 32.60 41.37 11.16
CA ARG F 87 32.74 42.58 11.96
C ARG F 87 33.30 42.21 13.34
N SER F 88 33.58 43.24 14.13
CA SER F 88 34.18 43.03 15.45
C SER F 88 33.26 42.28 16.40
N GLU F 89 31.96 42.26 16.14
CA GLU F 89 31.02 41.56 17.00
C GLU F 89 30.99 40.06 16.76
N ASP F 90 31.62 39.57 15.69
CA ASP F 90 31.67 38.14 15.41
C ASP F 90 32.94 37.51 15.99
N THR F 91 33.20 37.79 17.26
CA THR F 91 34.34 37.23 17.99
C THR F 91 33.75 36.35 19.09
N ALA F 92 33.75 35.04 18.86
CA ALA F 92 33.06 34.13 19.76
C ALA F 92 33.68 32.74 19.61
N MET F 93 33.02 31.75 20.19
CA MET F 93 33.40 30.35 20.08
C MET F 93 32.19 29.60 19.53
N TYR F 94 32.38 28.91 18.40
CA TYR F 94 31.27 28.35 17.65
C TYR F 94 31.15 26.85 17.92
N TYR F 95 29.93 26.39 18.16
CA TYR F 95 29.65 25.01 18.49
C TYR F 95 28.80 24.35 17.42
N CYS F 96 29.02 23.05 17.24
CA CYS F 96 28.30 22.22 16.31
C CYS F 96 27.37 21.31 17.12
N VAL F 97 26.06 21.44 16.90
CA VAL F 97 25.06 20.74 17.69
C VAL F 97 24.23 19.86 16.76
N ARG F 98 24.02 18.61 17.16
CA ARG F 98 23.22 17.67 16.40
C ARG F 98 21.83 17.55 17.01
N SER F 99 20.84 17.27 16.16
CA SER F 99 19.45 17.27 16.60
C SER F 99 18.61 16.39 15.67
N ILE F 100 17.73 15.61 16.26
CA ILE F 100 16.83 14.72 15.53
C ILE F 100 15.42 14.94 16.06
N TYR F 101 14.44 14.88 15.16
CA TYR F 101 13.06 15.27 15.47
C TYR F 101 12.10 14.15 15.07
N TYR F 102 11.57 13.44 16.07
CA TYR F 102 10.43 12.56 15.90
C TYR F 102 9.77 12.42 17.27
N TYR F 103 8.70 11.63 17.32
CA TYR F 103 7.93 11.52 18.55
C TYR F 103 8.75 10.81 19.64
N GLY F 104 9.04 11.55 20.71
CA GLY F 104 9.75 10.98 21.84
C GLY F 104 11.25 11.09 21.81
N SER F 105 11.81 11.94 20.94
CA SER F 105 13.25 12.08 20.83
C SER F 105 13.76 13.20 21.73
N SER F 106 15.08 13.29 21.84
CA SER F 106 15.75 14.31 22.66
C SER F 106 16.66 15.15 21.79
N PRO F 107 16.22 16.32 21.32
CA PRO F 107 17.11 17.19 20.54
C PRO F 107 18.18 17.82 21.39
N PHE F 108 19.19 18.37 20.70
CA PHE F 108 20.30 19.09 21.34
C PHE F 108 21.06 18.19 22.32
N ASP F 109 21.17 16.91 21.97
CA ASP F 109 21.78 15.95 22.90
C ASP F 109 23.30 16.04 22.94
N PHE F 110 23.94 16.27 21.80
CA PHE F 110 25.40 16.26 21.72
C PHE F 110 25.90 17.57 21.13
N TRP F 111 26.91 18.16 21.77
CA TRP F 111 27.52 19.40 21.34
C TRP F 111 28.98 19.15 20.94
N GLY F 112 29.48 20.01 20.06
CA GLY F 112 30.87 19.93 19.64
C GLY F 112 31.82 20.53 20.65
N GLN F 113 33.12 20.39 20.35
CA GLN F 113 34.15 20.90 21.25
C GLN F 113 34.30 22.41 21.16
N GLY F 114 34.20 22.97 19.96
CA GLY F 114 34.23 24.42 19.79
C GLY F 114 35.51 24.90 19.12
N THR F 115 35.37 25.93 18.29
CA THR F 115 36.50 26.61 17.66
C THR F 115 36.35 28.10 17.88
N THR F 116 37.45 28.77 18.19
CA THR F 116 37.45 30.19 18.54
C THR F 116 37.84 31.04 17.34
N LEU F 117 37.11 32.14 17.16
CA LEU F 117 37.33 33.08 16.07
C LEU F 117 37.52 34.47 16.64
N THR F 118 38.59 35.15 16.24
CA THR F 118 38.90 36.49 16.70
C THR F 118 39.00 37.41 15.50
N VAL F 119 38.18 38.47 15.49
CA VAL F 119 38.15 39.44 14.40
C VAL F 119 38.72 40.74 14.94
N SER F 120 39.83 41.18 14.35
CA SER F 120 40.50 42.40 14.80
C SER F 120 41.47 42.92 13.74
N ASP F 137 10.45 38.07 19.29
CA ASP F 137 11.30 37.09 19.96
C ASP F 137 10.85 36.93 21.41
N ILE F 138 11.09 35.76 21.99
CA ILE F 138 10.74 35.50 23.38
C ILE F 138 11.95 35.79 24.24
N VAL F 139 11.80 36.72 25.16
CA VAL F 139 12.86 37.08 26.10
C VAL F 139 12.79 36.12 27.27
N MET F 140 13.90 35.44 27.54
CA MET F 140 14.00 34.49 28.64
C MET F 140 14.86 35.13 29.73
N THR F 141 14.30 35.25 30.93
CA THR F 141 14.94 35.96 32.03
C THR F 141 15.24 35.01 33.16
N GLN F 142 16.47 35.04 33.64
CA GLN F 142 16.92 34.21 34.75
C GLN F 142 16.86 35.00 36.05
N ALA F 143 16.47 34.33 37.13
CA ALA F 143 16.17 35.02 38.39
C ALA F 143 17.41 35.69 38.96
N THR F 144 18.49 34.94 39.11
CA THR F 144 19.71 35.45 39.73
C THR F 144 20.92 35.07 38.89
N SER F 145 21.92 35.95 38.90
CA SER F 145 23.15 35.70 38.16
C SER F 145 24.03 34.68 38.88
N SER F 146 24.13 34.75 40.20
CA SER F 146 24.99 33.87 40.96
C SER F 146 24.28 33.38 42.22
N VAL F 147 24.65 32.18 42.65
CA VAL F 147 24.09 31.57 43.86
C VAL F 147 25.21 30.90 44.64
N PRO F 148 25.57 31.40 45.83
CA PRO F 148 26.58 30.71 46.64
C PRO F 148 25.96 29.63 47.52
N VAL F 149 26.57 28.45 47.54
CA VAL F 149 26.03 27.32 48.29
C VAL F 149 27.14 26.31 48.51
N THR F 150 26.97 25.44 49.56
CA THR F 150 27.81 24.35 50.02
C THR F 150 27.20 23.00 49.63
N PRO F 151 28.02 21.97 49.46
CA PRO F 151 27.48 20.67 49.06
C PRO F 151 26.55 20.07 50.11
N GLY F 152 25.56 19.33 49.64
CA GLY F 152 24.61 18.67 50.51
C GLY F 152 23.33 19.43 50.77
N GLU F 153 23.05 20.48 50.02
CA GLU F 153 21.86 21.30 50.22
C GLU F 153 21.09 21.43 48.91
N SER F 154 19.76 21.42 49.02
CA SER F 154 18.91 21.56 47.84
C SER F 154 18.95 22.99 47.33
N VAL F 155 19.11 23.14 46.01
CA VAL F 155 19.15 24.44 45.35
C VAL F 155 18.20 24.42 44.17
N SER F 156 17.43 25.50 44.02
CA SER F 156 16.45 25.63 42.95
C SER F 156 16.85 26.77 42.01
N ILE F 157 16.75 26.50 40.71
CA ILE F 157 17.04 27.48 39.67
C ILE F 157 15.75 27.72 38.87
N SER F 158 15.35 28.98 38.77
CA SER F 158 14.12 29.34 38.09
C SER F 158 14.39 30.43 37.04
N CYS F 159 13.73 30.31 35.89
CA CYS F 159 13.75 31.36 34.88
C CYS F 159 12.33 31.60 34.36
N ARG F 160 12.10 32.80 33.84
CA ARG F 160 10.77 33.27 33.49
C ARG F 160 10.69 33.52 31.99
N SER F 161 9.48 33.38 31.45
CA SER F 161 9.23 33.53 30.02
C SER F 161 8.26 34.67 29.77
N SER F 162 8.47 35.39 28.67
CA SER F 162 7.55 36.46 28.29
C SER F 162 6.27 35.92 27.66
N LYS F 163 6.35 34.82 26.92
CA LYS F 163 5.22 34.24 26.22
C LYS F 163 5.06 32.79 26.67
N SER F 164 3.80 32.37 26.83
CA SER F 164 3.51 31.02 27.30
C SER F 164 4.11 29.98 26.36
N LEU F 165 4.84 29.02 26.92
CA LEU F 165 5.51 28.00 26.14
C LEU F 165 4.68 26.73 25.97
N LEU F 166 3.47 26.69 26.52
CA LEU F 166 2.61 25.52 26.43
C LEU F 166 1.83 25.58 25.11
N HIS F 167 1.93 24.52 24.32
CA HIS F 167 1.27 24.46 23.03
C HIS F 167 -0.10 23.80 23.15
N SER F 168 -0.86 23.85 22.06
CA SER F 168 -2.20 23.25 22.05
C SER F 168 -2.14 21.75 22.18
N ASN F 169 -1.08 21.11 21.69
CA ASN F 169 -0.93 19.66 21.77
C ASN F 169 -0.57 19.18 23.17
N GLY F 170 -0.30 20.08 24.11
CA GLY F 170 0.01 19.70 25.47
C GLY F 170 1.48 19.60 25.81
N ASN F 171 2.37 20.07 24.93
CA ASN F 171 3.81 19.98 25.15
C ASN F 171 4.35 21.34 25.51
N THR F 172 5.15 21.39 26.58
CA THR F 172 5.84 22.61 26.98
C THR F 172 7.30 22.50 26.52
N TYR F 173 7.76 23.50 25.77
CA TYR F 173 9.06 23.44 25.10
C TYR F 173 10.06 24.28 25.88
N LEU F 174 10.66 23.67 26.91
CA LEU F 174 11.74 24.29 27.67
C LEU F 174 12.84 23.27 27.89
N TYR F 175 14.09 23.71 27.70
CA TYR F 175 15.26 22.85 27.80
C TYR F 175 16.23 23.45 28.80
N TRP F 176 17.02 22.59 29.44
CA TRP F 176 18.01 23.00 30.44
C TRP F 176 19.38 22.45 30.06
N PHE F 177 20.40 23.28 30.20
CA PHE F 177 21.77 22.92 29.86
C PHE F 177 22.70 23.28 31.00
N LEU F 178 23.85 22.62 31.06
CA LEU F 178 24.85 22.86 32.09
C LEU F 178 26.19 23.17 31.42
N GLN F 179 26.77 24.32 31.77
CA GLN F 179 28.05 24.78 31.26
C GLN F 179 29.10 24.62 32.36
N ARG F 180 29.79 23.48 32.34
CA ARG F 180 30.89 23.28 33.29
C ARG F 180 32.09 24.12 32.89
N PRO F 181 32.94 24.46 33.85
CA PRO F 181 34.09 25.35 33.54
C PRO F 181 35.01 24.74 32.50
N GLY F 182 35.18 25.45 31.39
CA GLY F 182 36.00 25.00 30.29
C GLY F 182 35.47 23.76 29.58
N GLN F 183 34.18 23.72 29.29
CA GLN F 183 33.58 22.55 28.67
C GLN F 183 32.33 22.98 27.91
N SER F 184 31.93 22.15 26.95
CA SER F 184 30.75 22.43 26.15
C SER F 184 29.48 22.14 26.95
N PRO F 185 28.36 22.78 26.61
CA PRO F 185 27.12 22.55 27.34
C PRO F 185 26.61 21.12 27.21
N GLN F 186 25.88 20.68 28.23
CA GLN F 186 25.33 19.33 28.29
C GLN F 186 23.85 19.41 28.65
N LEU F 187 23.02 18.67 27.93
CA LEU F 187 21.59 18.69 28.16
C LEU F 187 21.24 17.95 29.45
N LEU F 188 20.34 18.55 30.24
CA LEU F 188 19.84 17.95 31.47
C LEU F 188 18.36 17.61 31.38
N ILE F 189 17.51 18.58 31.09
CA ILE F 189 16.07 18.41 31.03
C ILE F 189 15.58 18.90 29.69
N TYR F 190 14.76 18.10 29.01
CA TYR F 190 14.14 18.51 27.77
C TYR F 190 12.62 18.43 27.90
N ARG F 191 11.94 19.46 27.40
CA ARG F 191 10.49 19.62 27.47
C ARG F 191 10.00 19.74 28.91
N MET F 192 10.86 20.30 29.77
CA MET F 192 10.52 20.78 31.11
C MET F 192 10.28 19.66 32.12
N SER F 193 10.17 18.44 31.64
CA SER F 193 9.93 17.36 32.59
C SER F 193 10.85 16.16 32.41
N ASN F 194 11.16 15.80 31.16
CA ASN F 194 11.92 14.60 30.90
C ASN F 194 13.37 14.79 31.28
N LEU F 195 13.98 13.71 31.76
CA LEU F 195 15.36 13.71 32.23
C LEU F 195 16.24 13.00 31.21
N ALA F 196 17.29 13.69 30.76
CA ALA F 196 18.14 13.16 29.70
C ALA F 196 18.88 11.92 30.16
N SER F 197 19.14 11.01 29.22
CA SER F 197 19.85 9.78 29.53
C SER F 197 21.28 10.07 29.96
N GLY F 198 21.73 9.36 30.99
CA GLY F 198 23.04 9.58 31.56
C GLY F 198 23.10 10.66 32.62
N VAL F 199 21.99 11.31 32.92
CA VAL F 199 21.94 12.37 33.93
C VAL F 199 21.41 11.74 35.22
N PRO F 200 22.06 11.98 36.37
CA PRO F 200 21.59 11.39 37.62
C PRO F 200 20.18 11.84 37.96
N ASP F 201 19.44 10.94 38.63
CA ASP F 201 18.04 11.20 38.95
C ASP F 201 17.90 12.09 40.18
N ARG F 202 18.63 13.21 40.19
CA ARG F 202 18.50 14.21 41.24
C ARG F 202 18.21 15.60 40.68
N PHE F 203 18.11 15.75 39.37
CA PHE F 203 17.67 16.98 38.73
C PHE F 203 16.18 16.86 38.41
N SER F 204 15.41 17.87 38.81
CA SER F 204 13.97 17.86 38.60
C SER F 204 13.53 19.15 37.92
N GLY F 205 12.62 19.04 36.96
CA GLY F 205 12.07 20.18 36.27
C GLY F 205 10.59 20.32 36.56
N SER F 206 10.13 21.56 36.72
CA SER F 206 8.74 21.83 37.06
C SER F 206 8.39 23.24 36.60
N GLY F 207 7.09 23.51 36.55
CA GLY F 207 6.60 24.80 36.13
C GLY F 207 5.41 24.70 35.20
N SER F 208 4.73 25.83 34.96
CA SER F 208 3.55 25.83 34.10
C SER F 208 3.33 27.22 33.56
N GLY F 209 3.31 27.35 32.23
CA GLY F 209 3.02 28.62 31.60
C GLY F 209 4.25 29.44 31.28
N THR F 210 4.56 30.40 32.16
CA THR F 210 5.68 31.30 31.94
C THR F 210 6.76 31.20 33.02
N ALA F 211 6.53 30.45 34.09
CA ALA F 211 7.51 30.30 35.17
C ALA F 211 7.90 28.84 35.29
N PHE F 212 9.20 28.57 35.30
CA PHE F 212 9.72 27.22 35.38
C PHE F 212 10.84 27.17 36.41
N THR F 213 11.04 25.99 36.99
CA THR F 213 12.01 25.83 38.07
C THR F 213 12.77 24.53 37.90
N LEU F 214 14.08 24.59 38.12
CA LEU F 214 14.95 23.41 38.11
C LEU F 214 15.44 23.16 39.53
N THR F 215 15.15 21.98 40.05
CA THR F 215 15.48 21.62 41.43
C THR F 215 16.62 20.61 41.44
N ILE F 216 17.60 20.85 42.30
CA ILE F 216 18.75 19.97 42.47
C ILE F 216 18.73 19.44 43.89
N SER F 217 18.74 18.12 44.04
CA SER F 217 18.69 17.46 45.33
C SER F 217 20.04 16.82 45.63
N ARG F 218 20.54 17.02 46.85
CA ARG F 218 21.85 16.50 47.27
C ARG F 218 22.95 16.98 46.33
N LEU F 219 23.12 18.31 46.31
CA LEU F 219 24.12 18.91 45.43
C LEU F 219 25.52 18.47 45.82
N GLU F 220 26.35 18.23 44.81
CA GLU F 220 27.75 17.88 45.04
C GLU F 220 28.66 18.72 44.15
N ALA F 221 29.96 18.39 44.13
CA ALA F 221 30.93 19.19 43.42
C ALA F 221 30.77 19.15 41.91
N GLU F 222 29.96 18.24 41.38
CA GLU F 222 29.79 18.09 39.94
C GLU F 222 28.69 18.99 39.38
N ASP F 223 27.96 19.72 40.22
CA ASP F 223 26.88 20.59 39.77
C ASP F 223 27.32 22.04 39.62
N VAL F 224 28.60 22.33 39.82
CA VAL F 224 29.09 23.70 39.73
C VAL F 224 29.24 24.09 38.26
N GLY F 225 28.62 25.20 37.87
CA GLY F 225 28.67 25.64 36.50
C GLY F 225 27.59 26.69 36.27
N VAL F 226 27.27 26.88 34.99
CA VAL F 226 26.25 27.84 34.56
C VAL F 226 25.09 27.06 33.95
N TYR F 227 23.87 27.41 34.36
CA TYR F 227 22.66 26.78 33.86
C TYR F 227 21.93 27.74 32.93
N TYR F 228 21.48 27.21 31.79
CA TYR F 228 20.77 27.97 30.78
C TYR F 228 19.42 27.31 30.53
N CYS F 229 18.40 28.12 30.27
CA CYS F 229 17.12 27.62 29.80
C CYS F 229 16.84 28.20 28.41
N MET F 230 16.44 27.33 27.49
CA MET F 230 16.18 27.71 26.12
C MET F 230 14.76 27.29 25.74
N GLN F 231 14.15 28.06 24.84
CA GLN F 231 12.83 27.74 24.32
C GLN F 231 12.98 27.23 22.88
N HIS F 232 12.13 26.28 22.51
CA HIS F 232 12.12 25.68 21.18
C HIS F 232 10.72 25.75 20.59
N LEU F 233 10.11 26.93 20.68
CA LEU F 233 8.72 27.10 20.27
C LEU F 233 8.58 27.75 18.89
N GLU F 234 9.30 28.84 18.62
CA GLU F 234 9.13 29.57 17.38
C GLU F 234 10.38 29.55 16.52
N TYR F 235 10.36 30.39 15.49
CA TYR F 235 11.39 30.39 14.45
C TYR F 235 12.80 30.61 14.97
N PRO F 236 13.10 31.66 15.75
CA PRO F 236 14.42 31.76 16.34
C PRO F 236 14.47 31.22 17.76
N LEU F 237 15.64 30.69 18.13
CA LEU F 237 15.84 30.05 19.42
C LEU F 237 16.56 31.02 20.35
N THR F 238 16.06 31.13 21.58
CA THR F 238 16.56 32.11 22.54
C THR F 238 16.98 31.41 23.83
N PHE F 239 18.11 31.86 24.39
CA PHE F 239 18.66 31.35 25.64
C PHE F 239 18.45 32.37 26.76
N GLY F 240 18.69 31.92 27.99
CA GLY F 240 18.71 32.81 29.13
C GLY F 240 20.10 33.34 29.42
N ALA F 241 20.16 34.28 30.36
CA ALA F 241 21.45 34.89 30.72
C ALA F 241 22.39 33.87 31.35
N GLY F 242 21.89 33.03 32.24
CA GLY F 242 22.71 32.01 32.87
C GLY F 242 22.93 32.23 34.35
N THR F 243 22.66 31.21 35.16
CA THR F 243 22.79 31.27 36.61
C THR F 243 24.04 30.50 37.03
N LYS F 244 24.92 31.16 37.78
CA LYS F 244 26.18 30.57 38.22
C LYS F 244 26.06 30.08 39.65
N LEU F 245 26.60 28.89 39.92
CA LEU F 245 26.63 28.32 41.25
C LEU F 245 28.07 28.21 41.74
N GLU F 246 28.31 28.59 42.99
CA GLU F 246 29.63 28.53 43.57
C GLU F 246 29.75 27.37 44.57
#